data_7ZSQ
#
_entry.id   7ZSQ
#
_cell.length_a   57.070
_cell.length_b   90.930
_cell.length_c   143.070
_cell.angle_alpha   90.000
_cell.angle_beta   90.000
_cell.angle_gamma   90.000
#
_symmetry.space_group_name_H-M   'P 21 21 21'
#
loop_
_entity.id
_entity.type
_entity.pdbx_description
1 polymer 'Purine nucleoside phosphorylase'
2 non-polymer '[2-[(4-oxidanylidene-3,5-dihydropyrrolo[3,2-d]pyrimidin-7-yl)sulfanyl]phenoxy]methylphosphonic acid'
3 non-polymer 6-tungstotellurate(VI)
4 non-polymer GLYCEROL
5 non-polymer 'polyethylene glycol'
6 non-polymer 1,2-ETHANEDIOL
7 non-polymer DI(HYDROXYETHYL)ETHER
8 water water
#
_entity_poly.entity_id   1
_entity_poly.type   'polypeptide(L)'
_entity_poly.pdbx_seq_one_letter_code
;VADPRPDPDELARRAAQVIADRTGIGEHDVAVVLGSGWLPAVAALGSPTTVLPQAELPGFVPPTAAGHAGELLSVPIGAH
RVLVLAGRIHAYEGHDLRYVVHPVRAARAAGAQIMVLTNAAGGLRADLQVGQPVLISDHLNLTARSPLVGGEFVDLTDAY
SPRLRELARQSDPQLAEGVYAGLPGPHYETPAEIRMLQTLGADLVGMSTVHETIAARAAGAEVLGVSLVTNLAAGITGEP
LSHAEVLAAGAASATRMGALLADVIARFR
;
_entity_poly.pdbx_strand_id   A,B,C
#
loop_
_chem_comp.id
_chem_comp.type
_chem_comp.name
_chem_comp.formula
EDO non-polymer 1,2-ETHANEDIOL 'C2 H6 O2'
GOL non-polymer GLYCEROL 'C3 H8 O3'
JTO non-polymer '[2-[(4-oxidanylidene-3,5-dihydropyrrolo[3,2-d]pyrimidin-7-yl)sulfanyl]phenoxy]methylphosphonic acid' 'C13 H12 N3 O5 P S'
P4K non-polymer 'polyethylene glycol' 'C30 H62 O15'
PEG non-polymer DI(HYDROXYETHYL)ETHER 'C4 H10 O3'
TEW non-polymer 6-tungstotellurate(VI) 'O24 Te W6 -6'
#
# COMPACT_ATOMS: atom_id res chain seq x y z
N ASP A 7 -19.42 5.03 17.08
CA ASP A 7 -19.85 4.02 16.06
C ASP A 7 -20.27 4.76 14.79
N PRO A 8 -19.65 4.50 13.61
CA PRO A 8 -19.98 5.22 12.37
C PRO A 8 -21.46 5.28 12.01
N ASP A 9 -22.17 4.15 12.05
CA ASP A 9 -23.61 4.07 11.70
C ASP A 9 -24.44 4.98 12.63
N GLU A 10 -24.16 4.99 13.95
CA GLU A 10 -24.95 5.80 14.91
C GLU A 10 -24.63 7.29 14.72
N LEU A 11 -23.37 7.65 14.44
CA LEU A 11 -23.05 9.09 14.21
C LEU A 11 -23.75 9.54 12.92
N ALA A 12 -23.84 8.66 11.92
CA ALA A 12 -24.57 8.91 10.65
C ALA A 12 -26.05 9.18 10.97
N ARG A 13 -26.65 8.38 11.84
CA ARG A 13 -28.11 8.48 12.18
C ARG A 13 -28.33 9.81 12.92
N ARG A 14 -27.45 10.16 13.85
CA ARG A 14 -27.60 11.41 14.63
C ARG A 14 -27.46 12.60 13.69
N ALA A 15 -26.52 12.55 12.75
CA ALA A 15 -26.31 13.63 11.76
C ALA A 15 -27.62 13.83 10.95
N ALA A 16 -28.19 12.74 10.45
CA ALA A 16 -29.41 12.73 9.61
C ALA A 16 -30.57 13.38 10.39
N GLN A 17 -30.69 13.13 11.68
CA GLN A 17 -31.73 13.72 12.57
C GLN A 17 -31.55 15.23 12.58
N VAL A 18 -30.32 15.71 12.81
CA VAL A 18 -30.04 17.16 12.88
C VAL A 18 -30.32 17.80 11.52
N ILE A 19 -29.90 17.14 10.44
CA ILE A 19 -30.10 17.62 9.03
C ILE A 19 -31.62 17.83 8.83
N ALA A 20 -32.44 16.80 9.12
CA ALA A 20 -33.91 16.83 9.01
C ALA A 20 -34.46 18.03 9.78
N ASP A 21 -34.08 18.18 11.05
CA ASP A 21 -34.56 19.25 11.94
C ASP A 21 -34.16 20.64 11.44
N ARG A 22 -32.89 20.85 11.05
CA ARG A 22 -32.40 22.20 10.69
C ARG A 22 -32.86 22.57 9.25
N THR A 23 -33.08 21.61 8.36
CA THR A 23 -33.51 21.88 6.95
C THR A 23 -35.03 21.84 6.84
N GLY A 24 -35.72 21.30 7.85
CA GLY A 24 -37.18 21.07 7.85
C GLY A 24 -37.60 20.14 6.74
N ILE A 25 -36.69 19.32 6.23
CA ILE A 25 -36.92 18.33 5.13
C ILE A 25 -36.67 16.95 5.72
N GLY A 26 -37.69 16.10 5.74
CA GLY A 26 -37.64 14.79 6.41
C GLY A 26 -36.63 13.88 5.76
N GLU A 27 -36.37 14.02 4.46
CA GLU A 27 -35.62 13.06 3.63
C GLU A 27 -34.94 13.77 2.45
N HIS A 28 -33.65 13.51 2.20
CA HIS A 28 -32.93 13.99 0.97
C HIS A 28 -32.59 12.76 0.12
N ASP A 29 -33.05 12.71 -1.13
CA ASP A 29 -32.94 11.47 -1.96
C ASP A 29 -31.65 11.47 -2.78
N VAL A 30 -30.90 12.57 -2.81
CA VAL A 30 -29.65 12.65 -3.61
C VAL A 30 -28.61 13.41 -2.78
N ALA A 31 -27.36 13.00 -2.86
CA ALA A 31 -26.24 13.77 -2.25
C ALA A 31 -25.16 13.98 -3.31
N VAL A 32 -24.49 15.12 -3.20
CA VAL A 32 -23.37 15.55 -4.07
C VAL A 32 -22.21 15.90 -3.14
N VAL A 33 -21.06 15.27 -3.35
CA VAL A 33 -19.79 15.65 -2.65
C VAL A 33 -18.97 16.49 -3.64
N LEU A 34 -18.72 17.77 -3.31
CA LEU A 34 -17.87 18.65 -4.16
C LEU A 34 -16.42 18.54 -3.72
N GLY A 35 -15.57 18.08 -4.65
CA GLY A 35 -14.11 18.05 -4.46
C GLY A 35 -13.51 19.45 -4.49
N SER A 36 -12.29 19.61 -3.98
CA SER A 36 -11.35 20.65 -4.47
C SER A 36 -11.52 20.71 -5.99
N GLY A 37 -11.63 21.89 -6.57
CA GLY A 37 -11.88 22.02 -8.02
C GLY A 37 -13.35 21.91 -8.39
N TRP A 38 -14.24 21.54 -7.46
CA TRP A 38 -15.70 21.66 -7.72
C TRP A 38 -16.39 22.63 -6.76
N LEU A 39 -15.70 23.09 -5.72
CA LEU A 39 -16.31 23.96 -4.68
C LEU A 39 -17.00 25.14 -5.34
N PRO A 40 -16.39 25.85 -6.33
CA PRO A 40 -17.04 27.04 -6.90
C PRO A 40 -18.38 26.75 -7.60
N ALA A 41 -18.58 25.48 -8.03
CA ALA A 41 -19.84 25.02 -8.65
C ALA A 41 -21.02 25.13 -7.65
N VAL A 42 -20.78 25.21 -6.35
CA VAL A 42 -21.88 25.36 -5.35
C VAL A 42 -22.65 26.67 -5.67
N ALA A 43 -21.97 27.69 -6.20
CA ALA A 43 -22.57 28.99 -6.59
C ALA A 43 -23.54 28.85 -7.77
N ALA A 44 -23.52 27.72 -8.50
CA ALA A 44 -24.18 27.55 -9.82
C ALA A 44 -24.97 26.25 -9.86
N LEU A 45 -25.27 25.67 -8.71
CA LEU A 45 -25.97 24.38 -8.61
C LEU A 45 -27.32 24.63 -7.90
N GLY A 46 -28.35 25.00 -8.66
CA GLY A 46 -29.70 25.26 -8.11
C GLY A 46 -29.75 26.45 -7.16
N SER A 47 -30.76 26.49 -6.31
CA SER A 47 -31.08 27.64 -5.43
C SER A 47 -31.20 27.12 -4.01
N PRO A 48 -30.07 27.02 -3.28
CA PRO A 48 -30.09 26.41 -1.94
C PRO A 48 -31.02 27.15 -0.99
N THR A 49 -31.79 26.39 -0.21
CA THR A 49 -32.79 26.90 0.77
C THR A 49 -32.19 26.94 2.17
N THR A 50 -31.22 26.06 2.51
CA THR A 50 -30.60 26.02 3.85
C THR A 50 -29.11 25.72 3.74
N VAL A 51 -28.31 26.36 4.57
CA VAL A 51 -26.85 26.10 4.69
C VAL A 51 -26.52 25.79 6.14
N LEU A 52 -25.93 24.63 6.41
CA LEU A 52 -25.51 24.19 7.78
C LEU A 52 -24.01 24.00 7.82
N PRO A 53 -23.34 24.50 8.87
CA PRO A 53 -21.91 24.22 9.06
C PRO A 53 -21.76 22.73 9.37
N GLN A 54 -20.86 22.04 8.66
CA GLN A 54 -20.50 20.64 9.01
C GLN A 54 -20.04 20.61 10.46
N ALA A 55 -19.38 21.65 10.93
CA ALA A 55 -18.81 21.77 12.30
C ALA A 55 -19.92 21.64 13.36
N GLU A 56 -21.19 21.92 12.99
CA GLU A 56 -22.35 21.82 13.91
C GLU A 56 -23.09 20.50 13.65
N LEU A 57 -22.54 19.59 12.83
CA LEU A 57 -23.22 18.29 12.55
C LEU A 57 -22.41 17.18 13.21
N PRO A 58 -23.07 16.22 13.89
CA PRO A 58 -22.38 15.07 14.48
C PRO A 58 -21.50 14.29 13.48
N GLY A 59 -20.23 14.05 13.85
CA GLY A 59 -19.37 13.04 13.21
C GLY A 59 -18.54 13.61 12.06
N PHE A 60 -18.73 14.88 11.71
CA PHE A 60 -18.17 15.49 10.47
C PHE A 60 -16.69 15.83 10.66
N VAL A 61 -16.30 16.34 11.82
CA VAL A 61 -14.92 16.92 11.97
C VAL A 61 -14.06 15.97 12.76
N PRO A 62 -12.87 15.56 12.27
CA PRO A 62 -11.96 14.70 13.03
C PRO A 62 -11.52 15.38 14.32
N PRO A 63 -11.22 14.62 15.41
CA PRO A 63 -10.85 15.22 16.68
C PRO A 63 -9.66 16.17 16.52
N THR A 64 -8.69 15.86 15.64
CA THR A 64 -7.50 16.74 15.39
C THR A 64 -7.57 17.44 14.05
N ALA A 65 -8.76 17.82 13.56
CA ALA A 65 -8.99 18.50 12.26
C ALA A 65 -8.17 19.78 12.25
N ALA A 66 -7.77 20.22 11.05
CA ALA A 66 -6.90 21.41 10.88
C ALA A 66 -7.74 22.67 11.09
N GLY A 67 -8.23 23.30 10.01
CA GLY A 67 -8.90 24.61 10.14
C GLY A 67 -10.42 24.46 10.26
N HIS A 68 -11.19 25.25 9.50
CA HIS A 68 -12.68 25.28 9.61
C HIS A 68 -13.26 24.13 8.80
N ALA A 69 -14.31 23.49 9.29
CA ALA A 69 -14.96 22.38 8.56
C ALA A 69 -15.75 23.02 7.39
N GLY A 70 -16.31 22.20 6.52
CA GLY A 70 -17.06 22.66 5.34
C GLY A 70 -18.52 23.02 5.64
N GLU A 71 -19.35 23.04 4.59
CA GLU A 71 -20.79 23.40 4.64
C GLU A 71 -21.59 22.22 4.07
N LEU A 72 -22.85 22.13 4.48
CA LEU A 72 -23.88 21.26 3.86
C LEU A 72 -25.00 22.19 3.40
N LEU A 73 -25.43 22.06 2.16
CA LEU A 73 -26.54 22.84 1.61
C LEU A 73 -27.68 21.86 1.27
N SER A 74 -28.91 22.33 1.48
CA SER A 74 -30.15 21.67 1.00
C SER A 74 -30.61 22.39 -0.26
N VAL A 75 -30.69 21.67 -1.38
CA VAL A 75 -31.01 22.27 -2.72
C VAL A 75 -32.11 21.47 -3.39
N PRO A 76 -33.24 22.10 -3.75
CA PRO A 76 -34.22 21.46 -4.62
C PRO A 76 -33.74 21.41 -6.07
N ILE A 77 -33.72 20.21 -6.67
CA ILE A 77 -33.33 20.02 -8.11
C ILE A 77 -34.35 19.07 -8.76
N GLY A 78 -35.24 19.64 -9.57
CA GLY A 78 -36.38 18.90 -10.12
C GLY A 78 -37.24 18.38 -8.99
N ALA A 79 -37.60 17.09 -9.02
CA ALA A 79 -38.40 16.44 -7.97
C ALA A 79 -37.51 16.03 -6.78
N HIS A 80 -36.21 16.35 -6.80
CA HIS A 80 -35.22 15.86 -5.78
C HIS A 80 -34.89 16.93 -4.75
N ARG A 81 -34.63 16.48 -3.52
CA ARG A 81 -34.06 17.29 -2.42
C ARG A 81 -32.61 16.82 -2.26
N VAL A 82 -31.65 17.70 -2.56
CA VAL A 82 -30.23 17.30 -2.72
C VAL A 82 -29.43 17.84 -1.54
N LEU A 83 -28.66 16.97 -0.88
CA LEU A 83 -27.66 17.34 0.16
C LEU A 83 -26.35 17.59 -0.58
N VAL A 84 -25.86 18.81 -0.52
CA VAL A 84 -24.59 19.20 -1.19
C VAL A 84 -23.57 19.40 -0.09
N LEU A 85 -22.51 18.60 -0.14
CA LEU A 85 -21.38 18.67 0.81
C LEU A 85 -20.29 19.47 0.14
N ALA A 86 -20.12 20.71 0.61
CA ALA A 86 -19.11 21.67 0.12
C ALA A 86 -17.92 21.65 1.04
N GLY A 87 -16.85 20.99 0.60
CA GLY A 87 -15.65 20.82 1.44
C GLY A 87 -15.67 19.46 2.09
N ARG A 88 -14.57 18.74 2.03
CA ARG A 88 -14.52 17.32 2.49
C ARG A 88 -13.19 17.12 3.20
N ILE A 89 -13.06 15.98 3.86
CA ILE A 89 -11.84 15.50 4.57
C ILE A 89 -11.15 14.55 3.60
N HIS A 90 -9.84 14.68 3.42
CA HIS A 90 -9.05 13.78 2.55
C HIS A 90 -8.21 12.88 3.45
N ALA A 91 -7.93 11.67 2.97
CA ALA A 91 -7.04 10.70 3.63
C ALA A 91 -5.66 11.34 3.85
N TYR A 92 -5.17 12.19 2.95
CA TYR A 92 -3.83 12.79 3.05
C TYR A 92 -3.73 13.69 4.28
N GLU A 93 -4.85 14.08 4.90
CA GLU A 93 -4.86 14.94 6.11
C GLU A 93 -4.51 14.06 7.32
N GLY A 94 -4.59 12.73 7.18
CA GLY A 94 -4.12 11.75 8.18
C GLY A 94 -5.23 11.28 9.11
N HIS A 95 -6.45 11.70 8.89
CA HIS A 95 -7.59 11.33 9.77
C HIS A 95 -8.10 9.93 9.37
N ASP A 96 -8.69 9.23 10.33
CA ASP A 96 -9.32 7.91 10.12
C ASP A 96 -10.28 8.01 8.93
N LEU A 97 -10.41 6.95 8.15
CA LEU A 97 -11.27 6.96 6.93
C LEU A 97 -12.74 7.11 7.33
N ARG A 98 -13.14 6.79 8.57
CA ARG A 98 -14.54 7.04 9.05
C ARG A 98 -14.95 8.50 8.74
N TYR A 99 -14.02 9.45 8.84
CA TYR A 99 -14.31 10.89 8.63
C TYR A 99 -14.31 11.19 7.15
N VAL A 100 -13.49 10.46 6.38
CA VAL A 100 -13.47 10.65 4.91
C VAL A 100 -14.84 10.22 4.35
N VAL A 101 -15.42 9.14 4.88
CA VAL A 101 -16.67 8.54 4.29
C VAL A 101 -17.90 8.98 5.10
N HIS A 102 -17.75 9.69 6.22
CA HIS A 102 -18.91 10.08 7.07
C HIS A 102 -19.96 10.87 6.28
N PRO A 103 -19.57 11.81 5.39
CA PRO A 103 -20.56 12.53 4.59
C PRO A 103 -21.49 11.60 3.80
N VAL A 104 -20.92 10.57 3.20
CA VAL A 104 -21.67 9.57 2.40
C VAL A 104 -22.63 8.82 3.36
N ARG A 105 -22.13 8.38 4.52
CA ARG A 105 -22.96 7.60 5.49
C ARG A 105 -24.07 8.48 6.09
N ALA A 106 -23.76 9.73 6.45
CA ALA A 106 -24.75 10.69 6.97
C ALA A 106 -25.82 10.91 5.90
N ALA A 107 -25.41 11.11 4.65
CA ALA A 107 -26.33 11.37 3.52
C ALA A 107 -27.28 10.17 3.32
N ARG A 108 -26.74 8.97 3.39
CA ARG A 108 -27.53 7.72 3.23
C ARG A 108 -28.56 7.68 4.35
N ALA A 109 -28.16 7.99 5.58
CA ALA A 109 -29.05 7.96 6.75
C ALA A 109 -30.14 9.03 6.59
N ALA A 110 -29.86 10.09 5.82
CA ALA A 110 -30.83 11.17 5.56
C ALA A 110 -31.73 10.82 4.35
N GLY A 111 -31.48 9.68 3.70
CA GLY A 111 -32.35 9.09 2.67
C GLY A 111 -31.72 9.06 1.28
N ALA A 112 -30.47 9.48 1.12
CA ALA A 112 -29.86 9.59 -0.21
C ALA A 112 -29.64 8.20 -0.79
N GLN A 113 -30.24 7.92 -1.95
CA GLN A 113 -30.13 6.62 -2.64
C GLN A 113 -29.10 6.73 -3.76
N ILE A 114 -28.74 7.97 -4.13
CA ILE A 114 -27.74 8.27 -5.18
C ILE A 114 -26.72 9.24 -4.58
N MET A 115 -25.45 8.94 -4.79
CA MET A 115 -24.27 9.77 -4.41
C MET A 115 -23.59 10.24 -5.70
N VAL A 116 -23.52 11.53 -5.92
CA VAL A 116 -22.68 12.12 -6.99
C VAL A 116 -21.36 12.51 -6.32
N LEU A 117 -20.31 11.78 -6.62
CA LEU A 117 -18.95 12.03 -6.09
C LEU A 117 -18.11 12.71 -7.17
N THR A 118 -17.69 13.95 -6.90
CA THR A 118 -16.90 14.77 -7.85
C THR A 118 -15.47 14.85 -7.34
N ASN A 119 -14.55 15.08 -8.27
CA ASN A 119 -13.12 15.23 -7.90
C ASN A 119 -12.41 15.96 -9.04
N ALA A 120 -11.24 16.47 -8.74
CA ALA A 120 -10.22 16.94 -9.71
C ALA A 120 -9.36 15.73 -10.08
N ALA A 121 -8.84 15.68 -11.31
CA ALA A 121 -8.00 14.54 -11.74
C ALA A 121 -6.98 14.99 -12.76
N GLY A 122 -5.85 14.29 -12.78
CA GLY A 122 -4.87 14.33 -13.87
C GLY A 122 -5.34 13.43 -15.00
N GLY A 123 -5.27 13.91 -16.24
CA GLY A 123 -5.63 13.09 -17.41
C GLY A 123 -4.47 12.26 -17.93
N LEU A 124 -4.68 10.96 -18.11
CA LEU A 124 -3.67 10.02 -18.69
C LEU A 124 -4.04 9.66 -20.13
N ARG A 125 -5.31 9.42 -20.42
CA ARG A 125 -5.76 8.98 -21.77
C ARG A 125 -5.74 10.18 -22.73
N ALA A 126 -5.19 9.98 -23.92
CA ALA A 126 -4.77 11.08 -24.84
C ALA A 126 -5.95 11.98 -25.23
N ASP A 127 -7.16 11.43 -25.35
CA ASP A 127 -8.37 12.16 -25.79
C ASP A 127 -8.96 13.06 -24.67
N LEU A 128 -8.46 12.97 -23.43
CA LEU A 128 -9.07 13.73 -22.29
C LEU A 128 -8.34 15.05 -22.13
N GLN A 129 -9.06 16.17 -22.11
CA GLN A 129 -8.46 17.52 -22.18
C GLN A 129 -8.70 18.27 -20.88
N VAL A 130 -7.83 19.23 -20.60
CA VAL A 130 -7.97 20.13 -19.41
C VAL A 130 -9.33 20.82 -19.51
N GLY A 131 -10.14 20.78 -18.44
CA GLY A 131 -11.48 21.41 -18.34
C GLY A 131 -12.60 20.49 -18.78
N GLN A 132 -12.28 19.25 -19.13
CA GLN A 132 -13.28 18.26 -19.57
C GLN A 132 -13.84 17.55 -18.34
N PRO A 133 -15.18 17.48 -18.18
CA PRO A 133 -15.78 16.59 -17.20
C PRO A 133 -15.76 15.17 -17.77
N VAL A 134 -15.43 14.20 -16.92
CA VAL A 134 -15.28 12.78 -17.35
C VAL A 134 -16.03 11.92 -16.33
N LEU A 135 -17.00 11.14 -16.80
CA LEU A 135 -17.70 10.13 -15.97
C LEU A 135 -16.72 9.04 -15.54
N ILE A 136 -16.84 8.58 -14.30
CA ILE A 136 -15.98 7.48 -13.82
C ILE A 136 -16.66 6.15 -14.17
N SER A 137 -16.00 5.35 -15.00
CA SER A 137 -16.49 4.00 -15.41
C SER A 137 -16.14 2.95 -14.34
N ASP A 138 -14.98 3.12 -13.69
CA ASP A 138 -14.50 2.18 -12.64
C ASP A 138 -13.35 2.86 -11.91
N HIS A 139 -12.82 2.23 -10.87
CA HIS A 139 -11.68 2.81 -10.10
C HIS A 139 -10.64 1.75 -9.79
N LEU A 140 -9.42 2.23 -9.54
CA LEU A 140 -8.30 1.46 -8.96
C LEU A 140 -8.02 2.07 -7.58
N ASN A 141 -8.30 1.31 -6.54
CA ASN A 141 -7.96 1.71 -5.15
C ASN A 141 -6.48 1.38 -4.94
N LEU A 142 -5.59 2.37 -5.04
CA LEU A 142 -4.14 2.13 -4.85
C LEU A 142 -3.67 2.72 -3.52
N THR A 143 -4.52 2.66 -2.49
CA THR A 143 -4.22 3.23 -1.15
C THR A 143 -3.83 2.15 -0.14
N ALA A 144 -4.04 0.88 -0.43
CA ALA A 144 -3.85 -0.27 0.50
C ALA A 144 -4.77 -0.14 1.72
N ARG A 145 -5.87 0.59 1.59
CA ARG A 145 -6.79 0.84 2.73
C ARG A 145 -8.23 0.57 2.30
N SER A 146 -9.09 0.47 3.29
CA SER A 146 -10.56 0.33 3.12
C SER A 146 -11.26 1.12 4.21
N PRO A 147 -12.41 1.76 3.91
CA PRO A 147 -13.22 2.36 4.96
C PRO A 147 -14.06 1.31 5.70
N LEU A 148 -14.04 0.04 5.27
CA LEU A 148 -14.90 -1.00 5.89
C LEU A 148 -14.08 -1.75 6.95
N VAL A 149 -14.74 -2.24 8.00
CA VAL A 149 -14.10 -3.03 9.09
C VAL A 149 -14.60 -4.48 9.02
N GLY A 150 -14.07 -5.35 9.87
CA GLY A 150 -14.34 -6.79 9.81
C GLY A 150 -15.82 -7.10 9.71
N GLY A 151 -16.19 -8.00 8.81
CA GLY A 151 -17.59 -8.46 8.63
C GLY A 151 -18.42 -7.54 7.74
N GLU A 152 -17.81 -6.50 7.17
CA GLU A 152 -18.45 -5.63 6.14
C GLU A 152 -17.88 -6.00 4.79
N PHE A 153 -18.63 -6.75 3.99
CA PHE A 153 -18.18 -7.22 2.67
C PHE A 153 -19.02 -6.46 1.65
N VAL A 154 -18.45 -6.17 0.49
CA VAL A 154 -19.21 -5.50 -0.59
C VAL A 154 -18.62 -5.93 -1.93
N ASP A 155 -19.51 -6.28 -2.85
CA ASP A 155 -19.17 -6.52 -4.27
C ASP A 155 -19.09 -5.16 -4.97
N LEU A 156 -17.98 -4.85 -5.63
CA LEU A 156 -17.73 -3.56 -6.33
C LEU A 156 -17.89 -3.73 -7.83
N THR A 157 -18.55 -4.81 -8.26
CA THR A 157 -19.03 -4.90 -9.66
C THR A 157 -20.03 -3.75 -9.87
N ASP A 158 -19.85 -2.97 -10.94
CA ASP A 158 -20.75 -1.82 -11.26
C ASP A 158 -20.84 -0.84 -10.08
N ALA A 159 -19.75 -0.63 -9.37
CA ALA A 159 -19.68 0.39 -8.28
C ALA A 159 -20.14 1.76 -8.81
N TYR A 160 -19.81 2.07 -10.06
CA TYR A 160 -20.21 3.27 -10.82
C TYR A 160 -21.37 2.85 -11.74
N SER A 161 -22.59 2.97 -11.24
CA SER A 161 -23.87 2.55 -11.89
C SER A 161 -23.84 2.86 -13.39
N PRO A 162 -23.87 1.84 -14.26
CA PRO A 162 -24.07 2.09 -15.68
C PRO A 162 -25.36 2.89 -15.95
N ARG A 163 -26.39 2.62 -15.17
CA ARG A 163 -27.72 3.29 -15.30
C ARG A 163 -27.55 4.81 -15.14
N LEU A 164 -26.77 5.24 -14.15
CA LEU A 164 -26.58 6.68 -13.87
C LEU A 164 -25.73 7.32 -14.97
N ARG A 165 -24.74 6.59 -15.52
CA ARG A 165 -23.88 7.14 -16.62
C ARG A 165 -24.77 7.37 -17.85
N GLU A 166 -25.70 6.44 -18.11
CA GLU A 166 -26.67 6.56 -19.22
C GLU A 166 -27.56 7.80 -19.00
N LEU A 167 -28.10 8.04 -17.79
CA LEU A 167 -28.90 9.26 -17.47
C LEU A 167 -28.03 10.51 -17.66
N ALA A 168 -26.76 10.49 -17.25
CA ALA A 168 -25.86 11.66 -17.45
C ALA A 168 -25.74 11.94 -18.94
N ARG A 169 -25.67 10.89 -19.77
CA ARG A 169 -25.48 11.03 -21.24
C ARG A 169 -26.77 11.52 -21.93
N GLN A 170 -27.93 11.42 -21.27
CA GLN A 170 -29.15 12.11 -21.76
C GLN A 170 -28.96 13.63 -21.63
N SER A 171 -28.19 14.09 -20.66
CA SER A 171 -27.95 15.53 -20.48
C SER A 171 -26.85 15.99 -21.44
N ASP A 172 -25.79 15.20 -21.58
CA ASP A 172 -24.69 15.49 -22.52
C ASP A 172 -24.23 14.16 -23.11
N PRO A 173 -24.71 13.85 -24.32
CA PRO A 173 -24.44 12.54 -24.94
C PRO A 173 -22.98 12.32 -25.33
N GLN A 174 -22.12 13.35 -25.34
CA GLN A 174 -20.69 13.21 -25.73
C GLN A 174 -19.80 13.10 -24.47
N LEU A 175 -20.36 12.89 -23.28
CA LEU A 175 -19.56 12.77 -22.03
C LEU A 175 -18.67 11.54 -22.17
N ALA A 176 -17.35 11.72 -22.00
CA ALA A 176 -16.38 10.61 -22.02
C ALA A 176 -16.44 9.89 -20.66
N GLU A 177 -15.87 8.69 -20.59
CA GLU A 177 -15.74 8.00 -19.28
C GLU A 177 -14.36 7.37 -19.20
N GLY A 178 -13.89 7.13 -17.98
CA GLY A 178 -12.54 6.57 -17.76
C GLY A 178 -12.40 5.97 -16.40
N VAL A 179 -11.36 5.17 -16.24
CA VAL A 179 -11.01 4.49 -14.98
C VAL A 179 -10.17 5.48 -14.17
N TYR A 180 -10.61 5.72 -12.94
CA TYR A 180 -9.96 6.63 -11.98
C TYR A 180 -9.10 5.86 -11.01
N ALA A 181 -7.82 6.22 -10.92
CA ALA A 181 -6.87 5.67 -9.95
C ALA A 181 -6.85 6.59 -8.71
N GLY A 182 -7.28 6.08 -7.55
CA GLY A 182 -7.20 6.80 -6.27
C GLY A 182 -5.91 6.48 -5.56
N LEU A 183 -5.08 7.49 -5.38
CA LEU A 183 -3.77 7.38 -4.69
C LEU A 183 -3.86 8.14 -3.37
N PRO A 184 -2.93 7.87 -2.44
CA PRO A 184 -2.93 8.52 -1.14
C PRO A 184 -2.69 10.03 -1.22
N GLY A 185 -1.77 10.44 -2.09
CA GLY A 185 -1.31 11.84 -2.10
C GLY A 185 -0.59 12.16 -0.78
N PRO A 186 -0.33 13.44 -0.45
CA PRO A 186 -0.73 14.57 -1.30
C PRO A 186 0.29 15.03 -2.35
N HIS A 187 1.47 14.40 -2.39
CA HIS A 187 2.42 14.61 -3.51
C HIS A 187 1.76 14.18 -4.83
N TYR A 188 2.04 14.93 -5.88
CA TYR A 188 1.70 14.50 -7.25
C TYR A 188 2.64 13.36 -7.66
N GLU A 189 2.31 12.66 -8.75
CA GLU A 189 3.03 11.46 -9.20
C GLU A 189 4.29 11.85 -9.98
N THR A 190 5.28 10.96 -9.97
CA THR A 190 6.41 11.01 -10.92
C THR A 190 5.92 10.56 -12.28
N PRO A 191 6.55 11.04 -13.37
CA PRO A 191 6.27 10.49 -14.70
C PRO A 191 6.36 8.96 -14.75
N ALA A 192 7.30 8.33 -14.05
CA ALA A 192 7.41 6.86 -14.00
C ALA A 192 6.13 6.27 -13.39
N GLU A 193 5.61 6.87 -12.32
CA GLU A 193 4.37 6.38 -11.67
C GLU A 193 3.19 6.55 -12.65
N ILE A 194 3.17 7.60 -13.45
CA ILE A 194 2.10 7.79 -14.47
C ILE A 194 2.19 6.69 -15.54
N ARG A 195 3.39 6.34 -16.00
CA ARG A 195 3.57 5.24 -17.01
C ARG A 195 3.08 3.93 -16.40
N MET A 196 3.38 3.71 -15.12
CA MET A 196 2.89 2.54 -14.37
C MET A 196 1.36 2.55 -14.37
N LEU A 197 0.75 3.69 -14.02
CA LEU A 197 -0.73 3.75 -13.91
C LEU A 197 -1.36 3.44 -15.29
N GLN A 198 -0.78 3.96 -16.37
CA GLN A 198 -1.25 3.65 -17.75
C GLN A 198 -1.21 2.13 -17.95
N THR A 199 -0.11 1.47 -17.58
CA THR A 199 0.00 -0.02 -17.65
C THR A 199 -1.14 -0.67 -16.85
N LEU A 200 -1.53 -0.11 -15.70
CA LEU A 200 -2.54 -0.75 -14.80
C LEU A 200 -3.96 -0.39 -15.26
N GLY A 201 -4.10 0.39 -16.34
CA GLY A 201 -5.38 0.69 -17.00
C GLY A 201 -6.08 1.96 -16.48
N ALA A 202 -5.38 2.87 -15.81
CA ALA A 202 -5.97 4.16 -15.37
C ALA A 202 -6.05 5.14 -16.55
N ASP A 203 -7.14 5.94 -16.60
CA ASP A 203 -7.38 7.06 -17.52
C ASP A 203 -7.28 8.42 -16.80
N LEU A 204 -7.47 8.40 -15.48
CA LEU A 204 -7.55 9.58 -14.60
C LEU A 204 -6.77 9.24 -13.32
N VAL A 205 -6.16 10.22 -12.69
CA VAL A 205 -5.51 10.02 -11.36
C VAL A 205 -5.97 11.09 -10.38
N GLY A 206 -6.19 10.71 -9.12
CA GLY A 206 -6.56 11.69 -8.08
C GLY A 206 -6.33 11.17 -6.70
N MET A 207 -6.86 11.89 -5.72
CA MET A 207 -6.47 11.75 -4.31
C MET A 207 -7.70 11.59 -3.44
N SER A 208 -8.82 11.14 -4.00
CA SER A 208 -10.07 10.97 -3.23
C SER A 208 -10.92 9.82 -3.81
N THR A 209 -12.17 9.79 -3.37
CA THR A 209 -13.33 9.18 -4.07
C THR A 209 -13.42 7.66 -3.81
N VAL A 210 -12.32 6.92 -3.90
CA VAL A 210 -12.37 5.41 -3.91
C VAL A 210 -13.02 4.95 -2.61
N HIS A 211 -12.68 5.53 -1.46
CA HIS A 211 -13.28 5.10 -0.17
C HIS A 211 -14.74 5.50 -0.09
N GLU A 212 -15.08 6.71 -0.55
CA GLU A 212 -16.46 7.21 -0.56
C GLU A 212 -17.31 6.26 -1.40
N THR A 213 -16.79 5.81 -2.54
CA THR A 213 -17.52 4.87 -3.43
C THR A 213 -17.76 3.56 -2.68
N ILE A 214 -16.72 2.99 -2.09
CA ILE A 214 -16.83 1.72 -1.33
C ILE A 214 -17.90 1.88 -0.24
N ALA A 215 -17.83 2.93 0.56
CA ALA A 215 -18.77 3.21 1.66
C ALA A 215 -20.21 3.36 1.12
N ALA A 216 -20.39 4.08 0.04
CA ALA A 216 -21.71 4.27 -0.62
C ALA A 216 -22.26 2.89 -0.99
N ARG A 217 -21.48 2.06 -1.69
CA ARG A 217 -21.96 0.73 -2.15
C ARG A 217 -22.33 -0.11 -0.93
N ALA A 218 -21.49 -0.14 0.10
CA ALA A 218 -21.73 -0.91 1.33
C ALA A 218 -23.03 -0.44 2.00
N ALA A 219 -23.38 0.85 1.87
CA ALA A 219 -24.56 1.46 2.51
C ALA A 219 -25.81 1.34 1.61
N GLY A 220 -25.68 0.78 0.42
CA GLY A 220 -26.79 0.51 -0.51
C GLY A 220 -27.11 1.68 -1.44
N ALA A 221 -26.19 2.64 -1.66
CA ALA A 221 -26.44 3.79 -2.56
C ALA A 221 -25.77 3.54 -3.91
N GLU A 222 -26.38 4.03 -4.98
CA GLU A 222 -25.81 4.00 -6.34
C GLU A 222 -24.87 5.20 -6.45
N VAL A 223 -23.82 5.09 -7.27
CA VAL A 223 -22.79 6.16 -7.38
C VAL A 223 -22.68 6.62 -8.82
N LEU A 224 -22.69 7.93 -9.00
CA LEU A 224 -22.16 8.59 -10.20
C LEU A 224 -20.87 9.32 -9.79
N GLY A 225 -19.77 8.99 -10.46
CA GLY A 225 -18.49 9.67 -10.29
C GLY A 225 -18.24 10.63 -11.44
N VAL A 226 -17.81 11.84 -11.12
CA VAL A 226 -17.43 12.84 -12.15
C VAL A 226 -16.08 13.46 -11.77
N SER A 227 -15.08 13.25 -12.62
CA SER A 227 -13.77 13.95 -12.58
C SER A 227 -13.83 15.18 -13.47
N LEU A 228 -13.27 16.30 -13.01
CA LEU A 228 -12.85 17.42 -13.88
C LEU A 228 -11.35 17.25 -14.10
N VAL A 229 -10.93 17.09 -15.35
CA VAL A 229 -9.50 17.11 -15.74
C VAL A 229 -8.94 18.50 -15.52
N THR A 230 -8.10 18.66 -14.49
CA THR A 230 -7.50 19.97 -14.13
C THR A 230 -6.11 20.13 -14.76
N ASN A 231 -5.52 19.03 -15.23
CA ASN A 231 -4.14 18.99 -15.77
C ASN A 231 -3.96 17.65 -16.47
N LEU A 232 -3.06 17.61 -17.43
CA LEU A 232 -2.52 16.35 -17.97
C LEU A 232 -1.57 15.79 -16.90
N ALA A 233 -1.53 14.49 -16.76
CA ALA A 233 -0.78 13.78 -15.71
C ALA A 233 0.71 14.08 -15.87
N ALA A 234 1.44 13.93 -14.78
CA ALA A 234 2.88 14.27 -14.70
C ALA A 234 3.65 13.60 -15.84
N GLY A 235 4.51 14.40 -16.50
CA GLY A 235 5.40 13.92 -17.57
C GLY A 235 4.74 13.90 -18.94
N ILE A 236 3.46 14.19 -19.06
CA ILE A 236 2.81 14.29 -20.39
C ILE A 236 3.19 15.64 -21.03
N THR A 237 2.93 16.79 -20.42
CA THR A 237 3.41 18.09 -20.99
C THR A 237 4.89 18.32 -20.70
N GLY A 238 5.41 17.82 -19.56
CA GLY A 238 6.72 18.18 -19.01
C GLY A 238 6.65 19.41 -18.11
N GLU A 239 5.57 20.18 -18.14
CA GLU A 239 5.29 21.30 -17.20
C GLU A 239 5.09 20.71 -15.80
N PRO A 240 5.56 21.37 -14.72
CA PRO A 240 5.15 21.00 -13.37
C PRO A 240 3.66 21.21 -13.08
N LEU A 241 3.16 20.47 -12.09
CA LEU A 241 1.74 20.50 -11.63
C LEU A 241 1.64 21.33 -10.34
N SER A 242 0.52 22.00 -10.10
CA SER A 242 0.30 22.72 -8.81
C SER A 242 -1.17 22.69 -8.44
N HIS A 243 -1.45 22.77 -7.13
CA HIS A 243 -2.81 22.92 -6.57
C HIS A 243 -3.49 24.17 -7.18
N ALA A 244 -2.73 25.23 -7.50
CA ALA A 244 -3.26 26.47 -8.14
C ALA A 244 -3.98 26.12 -9.44
N GLU A 245 -3.47 25.15 -10.23
CA GLU A 245 -4.14 24.68 -11.48
C GLU A 245 -5.54 24.15 -11.17
N VAL A 246 -5.68 23.39 -10.09
CA VAL A 246 -6.94 22.72 -9.67
C VAL A 246 -7.97 23.79 -9.28
N LEU A 247 -7.55 24.73 -8.43
CA LEU A 247 -8.39 25.88 -8.04
C LEU A 247 -8.74 26.73 -9.26
N ALA A 248 -7.80 26.96 -10.19
CA ALA A 248 -8.01 27.82 -11.39
C ALA A 248 -8.97 27.14 -12.40
N ALA A 249 -8.78 25.85 -12.65
CA ALA A 249 -9.63 25.06 -13.57
C ALA A 249 -11.05 24.94 -13.00
N GLY A 250 -11.15 24.75 -11.68
CA GLY A 250 -12.44 24.73 -10.95
C GLY A 250 -13.16 26.06 -11.07
N ALA A 251 -12.48 27.17 -10.80
CA ALA A 251 -13.11 28.50 -10.82
C ALA A 251 -13.64 28.78 -12.23
N ALA A 252 -12.84 28.47 -13.26
CA ALA A 252 -13.14 28.79 -14.69
C ALA A 252 -14.33 27.93 -15.17
N SER A 253 -14.42 26.68 -14.67
CA SER A 253 -15.45 25.68 -15.07
C SER A 253 -16.68 25.73 -14.17
N ALA A 254 -16.71 26.56 -13.11
CA ALA A 254 -17.73 26.46 -12.02
C ALA A 254 -19.15 26.56 -12.57
N THR A 255 -19.44 27.56 -13.40
CA THR A 255 -20.78 27.78 -13.99
C THR A 255 -21.17 26.58 -14.89
N ARG A 256 -20.27 26.10 -15.75
CA ARG A 256 -20.52 24.92 -16.61
C ARG A 256 -20.77 23.66 -15.75
N MET A 257 -19.94 23.43 -14.74
CA MET A 257 -20.03 22.18 -13.95
C MET A 257 -21.31 22.20 -13.10
N GLY A 258 -21.69 23.36 -12.58
CA GLY A 258 -22.92 23.53 -11.79
C GLY A 258 -24.13 23.16 -12.61
N ALA A 259 -24.14 23.68 -13.84
CA ALA A 259 -25.20 23.48 -14.83
C ALA A 259 -25.29 21.99 -15.13
N LEU A 260 -24.15 21.34 -15.39
CA LEU A 260 -24.11 19.92 -15.73
C LEU A 260 -24.70 19.09 -14.58
N LEU A 261 -24.24 19.32 -13.35
CA LEU A 261 -24.72 18.52 -12.19
C LEU A 261 -26.24 18.72 -12.02
N ALA A 262 -26.71 19.97 -12.10
CA ALA A 262 -28.16 20.27 -12.01
C ALA A 262 -28.91 19.47 -13.08
N ASP A 263 -28.49 19.53 -14.33
CA ASP A 263 -29.23 18.92 -15.46
C ASP A 263 -29.20 17.39 -15.34
N VAL A 264 -28.09 16.82 -14.88
CA VAL A 264 -27.97 15.35 -14.70
C VAL A 264 -28.88 14.92 -13.56
N ILE A 265 -28.82 15.61 -12.41
CA ILE A 265 -29.59 15.19 -11.20
C ILE A 265 -31.10 15.30 -11.51
N ALA A 266 -31.51 16.28 -12.32
CA ALA A 266 -32.93 16.44 -12.71
C ALA A 266 -33.42 15.18 -13.40
N ARG A 267 -32.53 14.47 -14.09
CA ARG A 267 -32.84 13.26 -14.89
C ARG A 267 -32.92 12.01 -14.00
N PHE A 268 -32.51 12.08 -12.73
CA PHE A 268 -32.52 10.90 -11.82
C PHE A 268 -33.95 10.57 -11.42
N ASP B 7 6.92 20.48 15.36
CA ASP B 7 6.72 21.04 13.98
C ASP B 7 7.93 20.70 13.10
N PRO B 8 7.79 19.97 11.97
CA PRO B 8 8.96 19.57 11.17
C PRO B 8 9.91 20.71 10.76
N ASP B 9 9.40 21.84 10.28
CA ASP B 9 10.24 22.98 9.82
C ASP B 9 11.05 23.56 10.98
N GLU B 10 10.46 23.66 12.17
CA GLU B 10 11.16 24.27 13.33
C GLU B 10 12.22 23.28 13.82
N LEU B 11 11.92 21.98 13.83
CA LEU B 11 12.89 20.94 14.25
C LEU B 11 14.07 20.93 13.27
N ALA B 12 13.80 21.15 11.98
CA ALA B 12 14.83 21.24 10.92
C ALA B 12 15.70 22.49 11.15
N ARG B 13 15.07 23.62 11.49
CA ARG B 13 15.78 24.91 11.78
C ARG B 13 16.67 24.73 13.02
N ARG B 14 16.19 24.08 14.07
CA ARG B 14 16.99 23.83 15.31
C ARG B 14 18.20 22.94 15.00
N ALA B 15 18.00 21.89 14.20
CA ALA B 15 19.06 20.94 13.81
C ALA B 15 20.13 21.71 13.03
N ALA B 16 19.73 22.53 12.06
CA ALA B 16 20.62 23.34 11.21
C ALA B 16 21.43 24.32 12.08
N GLN B 17 20.84 24.85 13.16
CA GLN B 17 21.53 25.79 14.10
C GLN B 17 22.65 25.02 14.81
N VAL B 18 22.35 23.85 15.36
CA VAL B 18 23.37 23.01 16.04
C VAL B 18 24.48 22.60 15.05
N ILE B 19 24.14 22.32 13.80
CA ILE B 19 25.12 21.88 12.76
C ILE B 19 26.08 23.06 12.50
N ALA B 20 25.54 24.26 12.30
CA ALA B 20 26.33 25.48 12.05
C ALA B 20 27.28 25.74 13.22
N ASP B 21 26.78 25.66 14.45
CA ASP B 21 27.56 25.89 15.70
C ASP B 21 28.65 24.82 15.83
N ARG B 22 28.31 23.53 15.74
CA ARG B 22 29.28 22.44 16.03
C ARG B 22 30.33 22.34 14.93
N THR B 23 30.05 22.77 13.70
CA THR B 23 30.96 22.64 12.54
C THR B 23 31.73 23.95 12.33
N GLY B 24 31.23 25.05 12.92
CA GLY B 24 31.74 26.41 12.71
C GLY B 24 31.55 26.87 11.27
N ILE B 25 30.61 26.27 10.56
CA ILE B 25 30.31 26.60 9.13
C ILE B 25 28.86 27.09 9.07
N GLY B 26 28.66 28.33 8.64
CA GLY B 26 27.34 28.99 8.63
C GLY B 26 26.36 28.23 7.76
N GLU B 27 26.86 27.64 6.67
CA GLU B 27 26.05 27.13 5.54
C GLU B 27 26.77 25.99 4.83
N HIS B 28 26.07 24.88 4.55
CA HIS B 28 26.54 23.75 3.69
C HIS B 28 25.66 23.71 2.45
N ASP B 29 26.22 23.92 1.25
CA ASP B 29 25.44 24.10 0.01
C ASP B 29 25.19 22.74 -0.67
N VAL B 30 25.81 21.65 -0.20
CA VAL B 30 25.61 20.27 -0.76
C VAL B 30 25.44 19.32 0.42
N ALA B 31 24.54 18.33 0.30
CA ALA B 31 24.42 17.24 1.29
C ALA B 31 24.50 15.90 0.56
N VAL B 32 25.09 14.93 1.24
CA VAL B 32 25.21 13.53 0.76
C VAL B 32 24.67 12.61 1.84
N VAL B 33 23.70 11.76 1.51
CA VAL B 33 23.24 10.70 2.44
C VAL B 33 23.86 9.39 1.94
N LEU B 34 24.72 8.75 2.73
CA LEU B 34 25.33 7.45 2.39
C LEU B 34 24.46 6.31 2.96
N GLY B 35 24.02 5.41 2.06
CA GLY B 35 23.21 4.24 2.42
C GLY B 35 24.04 3.05 2.79
N SER B 36 23.40 1.88 2.75
CA SER B 36 24.03 0.57 2.99
C SER B 36 25.07 0.31 1.90
N GLY B 37 26.28 -0.05 2.28
CA GLY B 37 27.38 -0.37 1.36
C GLY B 37 28.11 0.89 0.92
N TRP B 38 27.70 2.08 1.35
CA TRP B 38 28.25 3.36 0.85
C TRP B 38 29.28 3.99 1.80
N LEU B 39 29.39 3.48 3.03
CA LEU B 39 30.39 4.03 3.99
C LEU B 39 31.78 4.17 3.34
N PRO B 40 32.30 3.19 2.56
CA PRO B 40 33.64 3.33 1.98
C PRO B 40 33.86 4.58 1.12
N ALA B 41 32.79 5.23 0.68
CA ALA B 41 32.86 6.49 -0.10
C ALA B 41 33.51 7.59 0.75
N VAL B 42 33.36 7.56 2.07
CA VAL B 42 33.90 8.62 2.97
C VAL B 42 35.40 8.84 2.68
N ALA B 43 36.19 7.77 2.54
CA ALA B 43 37.68 7.87 2.51
C ALA B 43 38.13 8.67 1.29
N ALA B 44 37.31 8.71 0.22
CA ALA B 44 37.68 9.31 -1.09
C ALA B 44 37.01 10.67 -1.30
N LEU B 45 36.03 11.04 -0.47
CA LEU B 45 35.23 12.31 -0.63
C LEU B 45 36.07 13.54 -0.34
N GLY B 46 37.02 13.44 0.59
CA GLY B 46 37.77 14.60 1.09
C GLY B 46 38.07 14.48 2.57
N SER B 47 38.79 15.43 3.12
CA SER B 47 39.20 15.43 4.55
C SER B 47 38.16 16.21 5.34
N PRO B 48 37.47 15.56 6.29
CA PRO B 48 36.48 16.27 7.10
C PRO B 48 37.14 17.30 8.03
N THR B 49 36.50 18.45 8.21
CA THR B 49 36.91 19.47 9.21
C THR B 49 36.18 19.21 10.54
N THR B 50 34.99 18.59 10.51
CA THR B 50 34.26 18.15 11.73
C THR B 50 33.53 16.82 11.46
N VAL B 51 33.48 15.97 12.47
CA VAL B 51 32.71 14.70 12.48
C VAL B 51 31.97 14.69 13.79
N LEU B 52 30.66 14.46 13.79
CA LEU B 52 29.93 14.34 15.06
C LEU B 52 28.82 13.30 14.94
N PRO B 53 28.36 12.72 16.07
CA PRO B 53 27.27 11.74 16.04
C PRO B 53 25.95 12.45 15.69
N GLN B 54 25.22 11.89 14.71
CA GLN B 54 23.85 12.31 14.33
C GLN B 54 22.98 12.39 15.60
N ALA B 55 23.17 11.47 16.54
CA ALA B 55 22.37 11.31 17.79
C ALA B 55 22.45 12.58 18.65
N GLU B 56 23.47 13.42 18.43
CA GLU B 56 23.62 14.71 19.17
C GLU B 56 22.95 15.85 18.40
N LEU B 57 22.21 15.58 17.34
CA LEU B 57 21.51 16.64 16.59
C LEU B 57 20.01 16.57 16.90
N PRO B 58 19.34 17.73 17.13
CA PRO B 58 17.91 17.72 17.41
C PRO B 58 17.08 17.00 16.33
N GLY B 59 16.18 16.13 16.76
CA GLY B 59 15.21 15.39 15.90
C GLY B 59 15.79 14.16 15.20
N PHE B 60 17.11 13.92 15.30
CA PHE B 60 17.78 12.79 14.60
C PHE B 60 17.57 11.50 15.39
N VAL B 61 16.77 10.58 14.87
CA VAL B 61 16.81 9.17 15.34
C VAL B 61 18.13 8.57 14.82
N PRO B 62 18.96 7.97 15.71
CA PRO B 62 20.24 7.45 15.27
C PRO B 62 20.03 6.30 14.28
N PRO B 63 20.73 6.28 13.13
CA PRO B 63 20.76 5.08 12.29
C PRO B 63 21.16 3.85 13.11
N THR B 64 20.56 2.72 12.79
CA THR B 64 20.83 1.42 13.45
C THR B 64 21.22 0.34 12.43
N ALA B 65 20.97 0.51 11.13
CA ALA B 65 21.17 -0.54 10.11
C ALA B 65 22.69 -0.83 10.00
N ALA B 66 23.05 -2.10 9.80
CA ALA B 66 24.45 -2.57 9.65
C ALA B 66 25.17 -1.67 8.64
N GLY B 67 26.33 -1.10 9.02
CA GLY B 67 27.17 -0.26 8.13
C GLY B 67 26.70 1.19 8.03
N HIS B 68 25.68 1.60 8.82
CA HIS B 68 25.24 3.01 8.93
C HIS B 68 25.94 3.60 10.15
N ALA B 69 26.95 4.45 9.97
CA ALA B 69 27.84 4.94 11.05
C ALA B 69 27.04 5.83 12.02
N GLY B 70 25.97 6.48 11.54
CA GLY B 70 25.22 7.47 12.33
C GLY B 70 26.10 8.67 12.66
N GLU B 71 26.88 9.13 11.68
CA GLU B 71 27.82 10.27 11.81
C GLU B 71 27.46 11.35 10.81
N LEU B 72 27.72 12.60 11.18
CA LEU B 72 27.69 13.74 10.24
C LEU B 72 29.13 14.20 10.00
N LEU B 73 29.54 14.35 8.74
CA LEU B 73 30.87 14.90 8.40
C LEU B 73 30.66 16.22 7.67
N SER B 74 31.43 17.25 8.05
CA SER B 74 31.57 18.50 7.28
C SER B 74 32.82 18.38 6.41
N VAL B 75 32.69 18.43 5.08
CA VAL B 75 33.80 18.21 4.12
C VAL B 75 33.88 19.39 3.16
N PRO B 76 35.02 20.10 3.07
CA PRO B 76 35.27 21.05 1.98
C PRO B 76 35.58 20.32 0.67
N ILE B 77 34.91 20.72 -0.40
CA ILE B 77 35.12 20.17 -1.77
C ILE B 77 35.07 21.36 -2.73
N GLY B 78 36.25 21.85 -3.11
CA GLY B 78 36.43 23.10 -3.85
C GLY B 78 35.89 24.27 -3.04
N ALA B 79 35.00 25.06 -3.63
CA ALA B 79 34.32 26.21 -2.99
C ALA B 79 33.11 25.75 -2.15
N HIS B 80 32.84 24.43 -2.07
CA HIS B 80 31.60 23.86 -1.47
C HIS B 80 31.88 23.32 -0.05
N ARG B 81 30.89 23.46 0.82
CA ARG B 81 30.88 22.82 2.16
C ARG B 81 29.82 21.70 2.13
N VAL B 82 30.27 20.45 2.27
CA VAL B 82 29.42 19.26 2.00
C VAL B 82 29.06 18.63 3.35
N LEU B 83 27.75 18.55 3.59
CA LEU B 83 27.19 17.85 4.77
C LEU B 83 27.06 16.38 4.38
N VAL B 84 27.85 15.51 5.01
CA VAL B 84 27.83 14.06 4.71
C VAL B 84 27.12 13.36 5.86
N LEU B 85 25.97 12.78 5.57
CA LEU B 85 25.22 11.97 6.55
C LEU B 85 25.61 10.53 6.28
N ALA B 86 26.45 9.94 7.13
CA ALA B 86 26.88 8.54 7.04
C ALA B 86 25.87 7.72 7.82
N GLY B 87 24.85 7.24 7.10
CA GLY B 87 23.74 6.47 7.70
C GLY B 87 22.43 7.24 7.66
N ARG B 88 21.32 6.50 7.59
CA ARG B 88 19.95 7.03 7.56
C ARG B 88 19.06 6.07 8.35
N ILE B 89 17.80 6.46 8.55
CA ILE B 89 16.80 5.56 9.15
C ILE B 89 15.81 5.18 8.04
N HIS B 90 15.02 4.16 8.29
CA HIS B 90 14.16 3.49 7.28
C HIS B 90 12.76 3.38 7.86
N ALA B 91 11.76 3.47 6.99
CA ALA B 91 10.34 3.22 7.32
C ALA B 91 10.17 1.83 7.96
N TYR B 92 10.94 0.81 7.57
CA TYR B 92 10.75 -0.57 8.11
C TYR B 92 11.15 -0.62 9.60
N GLU B 93 11.85 0.39 10.12
CA GLU B 93 12.21 0.48 11.56
C GLU B 93 10.98 0.92 12.35
N GLY B 94 9.93 1.42 11.69
CA GLY B 94 8.64 1.72 12.31
C GLY B 94 8.44 3.21 12.60
N HIS B 95 9.44 4.05 12.35
CA HIS B 95 9.41 5.52 12.61
C HIS B 95 8.39 6.19 11.70
N ASP B 96 7.69 7.20 12.22
CA ASP B 96 6.85 8.13 11.43
C ASP B 96 7.74 8.71 10.34
N LEU B 97 7.17 9.01 9.19
CA LEU B 97 7.99 9.48 8.06
C LEU B 97 8.57 10.86 8.36
N ARG B 98 7.99 11.65 9.29
CA ARG B 98 8.56 12.98 9.65
C ARG B 98 9.99 12.79 10.20
N TYR B 99 10.27 11.70 10.90
CA TYR B 99 11.64 11.38 11.42
C TYR B 99 12.52 10.81 10.29
N VAL B 100 11.91 10.08 9.37
CA VAL B 100 12.65 9.49 8.23
C VAL B 100 13.19 10.64 7.35
N VAL B 101 12.42 11.68 7.09
CA VAL B 101 12.82 12.77 6.16
C VAL B 101 13.44 13.96 6.91
N HIS B 102 13.52 13.91 8.24
CA HIS B 102 14.06 15.03 9.04
C HIS B 102 15.52 15.32 8.63
N PRO B 103 16.41 14.32 8.46
CA PRO B 103 17.79 14.61 8.04
C PRO B 103 17.85 15.45 6.75
N VAL B 104 17.04 15.12 5.75
CA VAL B 104 17.00 15.89 4.49
C VAL B 104 16.49 17.32 4.75
N ARG B 105 15.44 17.50 5.57
CA ARG B 105 14.90 18.84 5.91
C ARG B 105 15.97 19.61 6.75
N ALA B 106 16.68 18.94 7.65
CA ALA B 106 17.76 19.59 8.46
C ALA B 106 18.86 20.04 7.50
N ALA B 107 19.26 19.18 6.56
CA ALA B 107 20.32 19.51 5.57
C ALA B 107 19.88 20.73 4.73
N ARG B 108 18.63 20.78 4.28
CA ARG B 108 18.10 21.94 3.50
C ARG B 108 18.16 23.20 4.36
N ALA B 109 17.74 23.11 5.62
CA ALA B 109 17.73 24.27 6.57
C ALA B 109 19.18 24.71 6.82
N ALA B 110 20.17 23.83 6.68
CA ALA B 110 21.62 24.17 6.86
C ALA B 110 22.20 24.77 5.58
N GLY B 111 21.41 24.80 4.50
CA GLY B 111 21.69 25.53 3.25
C GLY B 111 21.81 24.65 2.02
N ALA B 112 21.59 23.33 2.14
CA ALA B 112 21.90 22.35 1.06
C ALA B 112 20.88 22.51 -0.06
N GLN B 113 21.33 22.94 -1.23
CA GLN B 113 20.50 23.18 -2.46
C GLN B 113 20.46 21.91 -3.32
N ILE B 114 21.43 21.03 -3.14
CA ILE B 114 21.61 19.75 -3.87
C ILE B 114 21.81 18.65 -2.83
N MET B 115 21.00 17.62 -2.94
CA MET B 115 21.07 16.39 -2.12
C MET B 115 21.55 15.26 -3.03
N VAL B 116 22.61 14.56 -2.62
CA VAL B 116 22.99 13.26 -3.25
C VAL B 116 22.44 12.17 -2.35
N LEU B 117 21.39 11.47 -2.79
CA LEU B 117 20.82 10.36 -1.99
C LEU B 117 21.35 9.06 -2.59
N THR B 118 22.11 8.30 -1.79
CA THR B 118 22.66 6.99 -2.20
C THR B 118 21.91 5.88 -1.46
N ASN B 119 21.84 4.71 -2.08
CA ASN B 119 21.22 3.54 -1.43
C ASN B 119 21.83 2.25 -1.98
N ALA B 120 21.50 1.14 -1.34
CA ALA B 120 21.69 -0.24 -1.86
C ALA B 120 20.41 -0.59 -2.61
N ALA B 121 20.54 -1.42 -3.64
CA ALA B 121 19.35 -1.84 -4.42
C ALA B 121 19.55 -3.25 -4.98
N GLY B 122 18.42 -3.96 -5.16
CA GLY B 122 18.33 -5.18 -5.97
C GLY B 122 18.26 -4.78 -7.43
N GLY B 123 19.01 -5.45 -8.31
CA GLY B 123 18.83 -5.24 -9.76
C GLY B 123 17.62 -6.01 -10.29
N LEU B 124 16.76 -5.36 -11.09
CA LEU B 124 15.56 -6.00 -11.71
C LEU B 124 15.82 -6.34 -13.18
N ARG B 125 17.07 -6.19 -13.64
CA ARG B 125 17.51 -6.52 -15.02
C ARG B 125 18.74 -7.44 -14.89
N ALA B 126 18.80 -8.49 -15.70
CA ALA B 126 19.87 -9.50 -15.61
C ALA B 126 21.19 -8.93 -16.13
N ASP B 127 21.20 -7.78 -16.81
CA ASP B 127 22.43 -7.16 -17.35
C ASP B 127 22.98 -6.10 -16.38
N LEU B 128 22.37 -5.92 -15.21
CA LEU B 128 23.04 -5.19 -14.12
C LEU B 128 24.02 -6.15 -13.44
N GLN B 129 25.05 -5.58 -12.82
CA GLN B 129 26.12 -6.36 -12.14
C GLN B 129 26.14 -5.99 -10.65
N VAL B 130 26.46 -6.95 -9.79
CA VAL B 130 26.73 -6.69 -8.36
C VAL B 130 27.89 -5.71 -8.30
N GLY B 131 27.73 -4.61 -7.55
CA GLY B 131 28.74 -3.54 -7.38
C GLY B 131 28.61 -2.43 -8.39
N GLN B 132 27.68 -2.54 -9.34
CA GLN B 132 27.51 -1.50 -10.38
C GLN B 132 26.74 -0.32 -9.78
N PRO B 133 27.26 0.92 -9.94
CA PRO B 133 26.55 2.12 -9.54
C PRO B 133 25.53 2.50 -10.63
N VAL B 134 24.31 2.85 -10.23
CA VAL B 134 23.22 3.14 -11.19
C VAL B 134 22.59 4.47 -10.80
N LEU B 135 22.64 5.43 -11.71
CA LEU B 135 21.96 6.71 -11.51
C LEU B 135 20.43 6.50 -11.46
N ILE B 136 19.75 7.19 -10.55
CA ILE B 136 18.27 7.09 -10.49
C ILE B 136 17.66 8.13 -11.43
N SER B 137 16.96 7.63 -12.44
CA SER B 137 16.26 8.47 -13.46
C SER B 137 14.93 8.96 -12.88
N ASP B 138 14.27 8.12 -12.07
CA ASP B 138 12.93 8.41 -11.49
C ASP B 138 12.66 7.36 -10.41
N HIS B 139 11.50 7.46 -9.75
CA HIS B 139 11.11 6.45 -8.74
C HIS B 139 9.64 6.06 -8.89
N LEU B 140 9.34 4.87 -8.35
CA LEU B 140 7.99 4.37 -8.07
C LEU B 140 7.87 4.28 -6.53
N ASN B 141 7.02 5.12 -5.97
CA ASN B 141 6.66 5.05 -4.53
C ASN B 141 5.58 3.99 -4.37
N LEU B 142 5.95 2.80 -3.94
CA LEU B 142 5.02 1.67 -3.79
C LEU B 142 4.80 1.40 -2.29
N THR B 143 4.86 2.43 -1.44
CA THR B 143 4.67 2.32 0.03
C THR B 143 3.25 2.67 0.48
N ALA B 144 2.45 3.29 -0.39
CA ALA B 144 1.11 3.84 -0.09
C ALA B 144 1.19 4.92 1.00
N ARG B 145 2.35 5.55 1.14
CA ARG B 145 2.56 6.62 2.14
C ARG B 145 3.17 7.85 1.47
N SER B 146 3.21 8.94 2.22
CA SER B 146 3.83 10.23 1.83
C SER B 146 4.43 10.84 3.10
N PRO B 147 5.57 11.53 3.00
CA PRO B 147 6.08 12.29 4.14
C PRO B 147 5.39 13.65 4.27
N LEU B 148 4.57 14.02 3.30
CA LEU B 148 3.88 15.33 3.27
C LEU B 148 2.49 15.20 3.93
N VAL B 149 1.99 16.32 4.43
CA VAL B 149 0.67 16.43 5.13
C VAL B 149 -0.24 17.32 4.29
N GLY B 150 -1.50 17.46 4.70
CA GLY B 150 -2.48 18.29 4.00
C GLY B 150 -1.90 19.64 3.63
N GLY B 151 -2.18 20.13 2.44
CA GLY B 151 -1.72 21.45 1.97
C GLY B 151 -0.40 21.39 1.22
N GLU B 152 0.36 20.27 1.27
CA GLU B 152 1.72 20.19 0.65
C GLU B 152 1.65 19.43 -0.68
N PHE B 153 1.27 20.06 -1.77
CA PHE B 153 0.94 19.42 -3.07
C PHE B 153 2.08 19.60 -4.08
N VAL B 154 3.14 18.82 -3.90
CA VAL B 154 4.46 19.02 -4.55
C VAL B 154 4.53 18.26 -5.86
N ASP B 155 5.06 18.95 -6.87
CA ASP B 155 5.28 18.39 -8.21
C ASP B 155 6.54 17.54 -8.20
N LEU B 156 6.47 16.31 -8.72
CA LEU B 156 7.65 15.39 -8.79
C LEU B 156 8.04 15.16 -10.26
N THR B 157 7.76 16.10 -11.14
CA THR B 157 8.39 16.09 -12.49
C THR B 157 9.88 16.37 -12.31
N ASP B 158 10.77 15.59 -12.95
CA ASP B 158 12.24 15.77 -12.82
C ASP B 158 12.63 15.85 -11.35
N ALA B 159 12.10 14.96 -10.52
CA ALA B 159 12.47 14.90 -9.09
C ALA B 159 13.97 14.62 -9.01
N TYR B 160 14.47 13.78 -9.91
CA TYR B 160 15.92 13.46 -10.06
C TYR B 160 16.44 14.33 -11.21
N SER B 161 17.02 15.48 -10.88
CA SER B 161 17.47 16.52 -11.85
C SER B 161 18.20 15.87 -13.02
N PRO B 162 17.70 16.01 -14.26
CA PRO B 162 18.46 15.61 -15.46
C PRO B 162 19.87 16.24 -15.53
N ARG B 163 19.97 17.50 -15.12
CA ARG B 163 21.21 18.31 -15.10
C ARG B 163 22.26 17.59 -14.25
N LEU B 164 21.87 17.07 -13.07
CA LEU B 164 22.85 16.43 -12.15
C LEU B 164 23.32 15.09 -12.75
N ARG B 165 22.47 14.37 -13.46
CA ARG B 165 22.86 13.08 -14.08
C ARG B 165 23.88 13.37 -15.19
N GLU B 166 23.65 14.44 -15.94
CA GLU B 166 24.57 14.92 -17.00
C GLU B 166 25.94 15.26 -16.40
N LEU B 167 25.99 16.01 -15.28
CA LEU B 167 27.24 16.32 -14.56
C LEU B 167 27.93 15.02 -14.11
N ALA B 168 27.19 14.03 -13.58
CA ALA B 168 27.78 12.75 -13.14
C ALA B 168 28.44 12.07 -14.36
N ARG B 169 27.81 12.14 -15.52
CA ARG B 169 28.29 11.46 -16.76
C ARG B 169 29.51 12.19 -17.38
N GLN B 170 29.76 13.43 -17.01
CA GLN B 170 31.04 14.13 -17.33
C GLN B 170 32.20 13.44 -16.63
N SER B 171 32.01 12.89 -15.42
CA SER B 171 33.07 12.12 -14.72
C SER B 171 33.08 10.65 -15.17
N ASP B 172 31.92 10.05 -15.46
CA ASP B 172 31.85 8.65 -15.94
C ASP B 172 30.71 8.54 -16.94
N PRO B 173 31.04 8.63 -18.25
CA PRO B 173 29.99 8.65 -19.28
C PRO B 173 29.29 7.29 -19.49
N GLN B 174 29.83 6.20 -18.93
CA GLN B 174 29.24 4.85 -19.04
C GLN B 174 28.20 4.58 -17.94
N LEU B 175 27.96 5.49 -16.99
CA LEU B 175 27.02 5.23 -15.86
C LEU B 175 25.62 4.85 -16.41
N ALA B 176 25.13 3.69 -16.03
CA ALA B 176 23.72 3.26 -16.30
C ALA B 176 22.75 4.12 -15.48
N GLU B 177 21.47 4.13 -15.86
CA GLU B 177 20.38 4.77 -15.09
C GLU B 177 19.20 3.82 -15.02
N GLY B 178 18.35 4.05 -14.03
CA GLY B 178 17.18 3.19 -13.83
C GLY B 178 16.15 3.82 -12.92
N VAL B 179 14.94 3.30 -13.03
CA VAL B 179 13.80 3.66 -12.17
C VAL B 179 13.92 2.80 -10.90
N TYR B 180 13.91 3.47 -9.76
CA TYR B 180 14.03 2.84 -8.43
C TYR B 180 12.64 2.67 -7.83
N ALA B 181 12.28 1.43 -7.50
CA ALA B 181 11.02 1.11 -6.80
C ALA B 181 11.30 1.15 -5.30
N GLY B 182 10.70 2.10 -4.58
CA GLY B 182 10.78 2.10 -3.10
C GLY B 182 9.64 1.27 -2.51
N LEU B 183 9.99 0.20 -1.81
CA LEU B 183 9.04 -0.67 -1.10
C LEU B 183 9.19 -0.48 0.41
N PRO B 184 8.18 -0.91 1.19
CA PRO B 184 8.24 -0.76 2.65
C PRO B 184 9.33 -1.65 3.26
N GLY B 185 9.45 -2.91 2.80
CA GLY B 185 10.27 -3.93 3.47
C GLY B 185 9.75 -4.25 4.87
N PRO B 186 10.53 -4.92 5.73
CA PRO B 186 11.91 -5.33 5.42
C PRO B 186 12.15 -6.70 4.80
N HIS B 187 11.11 -7.50 4.63
CA HIS B 187 11.21 -8.76 3.85
C HIS B 187 11.65 -8.40 2.43
N TYR B 188 12.39 -9.31 1.80
CA TYR B 188 12.74 -9.20 0.37
C TYR B 188 11.53 -9.70 -0.44
N GLU B 189 11.63 -9.56 -1.74
CA GLU B 189 10.49 -9.80 -2.66
C GLU B 189 10.44 -11.27 -3.06
N THR B 190 9.25 -11.72 -3.38
CA THR B 190 9.08 -13.02 -4.06
C THR B 190 9.48 -12.82 -5.52
N PRO B 191 9.87 -13.89 -6.24
CA PRO B 191 10.13 -13.79 -7.67
C PRO B 191 8.92 -13.22 -8.42
N ALA B 192 7.68 -13.59 -8.03
CA ALA B 192 6.47 -13.05 -8.71
C ALA B 192 6.40 -11.54 -8.48
N GLU B 193 6.71 -11.05 -7.28
CA GLU B 193 6.75 -9.58 -7.00
C GLU B 193 7.79 -8.89 -7.89
N ILE B 194 8.96 -9.53 -8.11
CA ILE B 194 10.04 -8.95 -8.94
C ILE B 194 9.56 -8.84 -10.39
N ARG B 195 8.85 -9.85 -10.90
CA ARG B 195 8.27 -9.80 -12.28
C ARG B 195 7.26 -8.66 -12.35
N MET B 196 6.44 -8.51 -11.33
CA MET B 196 5.48 -7.38 -11.25
C MET B 196 6.26 -6.05 -11.34
N LEU B 197 7.29 -5.86 -10.53
CA LEU B 197 8.05 -4.59 -10.52
C LEU B 197 8.63 -4.31 -11.91
N GLN B 198 9.18 -5.33 -12.60
CA GLN B 198 9.63 -5.15 -14.02
C GLN B 198 8.45 -4.69 -14.89
N THR B 199 7.29 -5.32 -14.77
CA THR B 199 6.07 -4.89 -15.52
C THR B 199 5.72 -3.44 -15.21
N LEU B 200 5.90 -2.97 -13.97
CA LEU B 200 5.55 -1.59 -13.56
C LEU B 200 6.60 -0.58 -14.04
N GLY B 201 7.73 -1.06 -14.59
CA GLY B 201 8.79 -0.22 -15.22
C GLY B 201 9.96 0.11 -14.33
N ALA B 202 10.15 -0.60 -13.23
CA ALA B 202 11.28 -0.43 -12.31
C ALA B 202 12.48 -1.25 -12.80
N ASP B 203 13.69 -0.71 -12.54
CA ASP B 203 15.00 -1.29 -12.87
C ASP B 203 15.74 -1.71 -11.60
N LEU B 204 15.39 -1.06 -10.48
CA LEU B 204 16.05 -1.20 -9.17
C LEU B 204 14.99 -1.32 -8.08
N VAL B 205 15.27 -2.04 -7.01
CA VAL B 205 14.32 -2.17 -5.87
C VAL B 205 15.07 -1.88 -4.56
N GLY B 206 14.49 -1.07 -3.68
CA GLY B 206 15.05 -0.91 -2.34
C GLY B 206 14.07 -0.42 -1.31
N MET B 207 14.60 0.03 -0.18
CA MET B 207 13.76 0.21 1.04
C MET B 207 13.91 1.62 1.60
N SER B 208 14.35 2.58 0.78
CA SER B 208 14.53 3.99 1.22
C SER B 208 14.17 4.96 0.11
N THR B 209 14.61 6.21 0.30
CA THR B 209 14.90 7.21 -0.75
C THR B 209 13.64 7.91 -1.23
N VAL B 210 12.54 7.22 -1.54
CA VAL B 210 11.36 7.84 -2.20
C VAL B 210 10.81 8.98 -1.33
N HIS B 211 10.71 8.80 -0.03
CA HIS B 211 10.16 9.86 0.89
C HIS B 211 11.17 11.00 1.03
N GLU B 212 12.46 10.65 1.14
CA GLU B 212 13.56 11.64 1.22
C GLU B 212 13.56 12.49 -0.04
N THR B 213 13.37 11.88 -1.20
CA THR B 213 13.25 12.64 -2.48
C THR B 213 12.05 13.59 -2.41
N ILE B 214 10.87 13.09 -2.01
CA ILE B 214 9.64 13.94 -1.99
C ILE B 214 9.91 15.13 -1.06
N ALA B 215 10.48 14.90 0.11
CA ALA B 215 10.72 15.93 1.14
C ALA B 215 11.76 16.92 0.61
N ALA B 216 12.80 16.44 -0.07
CA ALA B 216 13.86 17.29 -0.66
C ALA B 216 13.21 18.24 -1.69
N ARG B 217 12.38 17.70 -2.59
CA ARG B 217 11.70 18.52 -3.64
C ARG B 217 10.75 19.53 -2.98
N ALA B 218 10.00 19.12 -1.96
CA ALA B 218 9.04 19.99 -1.25
C ALA B 218 9.80 21.15 -0.61
N ALA B 219 11.05 20.91 -0.19
CA ALA B 219 11.88 21.91 0.52
C ALA B 219 12.72 22.73 -0.45
N GLY B 220 12.62 22.49 -1.76
CA GLY B 220 13.29 23.28 -2.82
C GLY B 220 14.71 22.82 -3.14
N ALA B 221 15.10 21.59 -2.80
CA ALA B 221 16.43 21.03 -3.17
C ALA B 221 16.35 20.17 -4.44
N GLU B 222 17.40 20.19 -5.25
CA GLU B 222 17.62 19.28 -6.42
C GLU B 222 18.20 17.97 -5.89
N VAL B 223 17.93 16.85 -6.56
CA VAL B 223 18.35 15.51 -6.06
C VAL B 223 19.13 14.77 -7.14
N LEU B 224 20.24 14.20 -6.76
CA LEU B 224 21.00 13.19 -7.53
C LEU B 224 20.88 11.87 -6.78
N GLY B 225 20.25 10.88 -7.39
CA GLY B 225 20.05 9.56 -6.76
C GLY B 225 21.06 8.57 -7.32
N VAL B 226 21.71 7.79 -6.47
CA VAL B 226 22.65 6.73 -6.91
C VAL B 226 22.42 5.45 -6.11
N SER B 227 22.08 4.36 -6.82
CA SER B 227 22.01 3.00 -6.25
C SER B 227 23.35 2.28 -6.43
N LEU B 228 23.70 1.46 -5.46
CA LEU B 228 24.72 0.41 -5.61
C LEU B 228 24.00 -0.93 -5.67
N VAL B 229 24.10 -1.62 -6.81
CA VAL B 229 23.47 -2.97 -6.95
C VAL B 229 24.25 -3.96 -6.07
N THR B 230 23.59 -4.50 -5.07
CA THR B 230 24.19 -5.43 -4.09
C THR B 230 23.86 -6.86 -4.50
N ASN B 231 22.89 -7.06 -5.39
CA ASN B 231 22.38 -8.40 -5.73
C ASN B 231 21.44 -8.25 -6.92
N LEU B 232 21.30 -9.30 -7.71
CA LEU B 232 20.15 -9.41 -8.63
C LEU B 232 18.94 -9.81 -7.77
N ALA B 233 17.77 -9.26 -8.07
CA ALA B 233 16.55 -9.43 -7.27
C ALA B 233 16.07 -10.88 -7.39
N ALA B 234 15.20 -11.28 -6.47
CA ALA B 234 14.65 -12.66 -6.34
C ALA B 234 14.19 -13.17 -7.72
N GLY B 235 14.65 -14.36 -8.09
CA GLY B 235 14.24 -15.05 -9.33
C GLY B 235 15.01 -14.62 -10.56
N ILE B 236 15.87 -13.63 -10.48
CA ILE B 236 16.80 -13.25 -11.57
C ILE B 236 18.15 -13.91 -11.26
N THR B 237 18.58 -14.88 -12.06
CA THR B 237 19.88 -15.56 -11.83
C THR B 237 21.03 -14.67 -12.32
N GLY B 238 22.03 -14.47 -11.45
CA GLY B 238 23.23 -13.65 -11.68
C GLY B 238 24.50 -14.43 -11.37
N GLU B 239 25.66 -13.77 -11.45
CA GLU B 239 26.98 -14.42 -11.32
C GLU B 239 27.06 -15.14 -9.98
N PRO B 240 27.51 -16.41 -9.94
CA PRO B 240 27.81 -17.07 -8.66
C PRO B 240 28.95 -16.32 -7.95
N LEU B 241 28.61 -15.51 -6.95
CA LEU B 241 29.59 -14.80 -6.09
C LEU B 241 29.43 -15.29 -4.65
N SER B 242 30.54 -15.43 -3.93
CA SER B 242 30.55 -15.56 -2.46
C SER B 242 30.02 -14.26 -1.83
N HIS B 243 29.55 -14.29 -0.58
CA HIS B 243 29.19 -13.08 0.21
C HIS B 243 30.40 -12.14 0.33
N ALA B 244 31.62 -12.68 0.45
CA ALA B 244 32.87 -11.88 0.52
C ALA B 244 33.07 -11.15 -0.81
N GLU B 245 32.78 -11.80 -1.94
CA GLU B 245 32.96 -11.19 -3.29
C GLU B 245 31.92 -10.08 -3.47
N VAL B 246 30.70 -10.28 -2.96
CA VAL B 246 29.60 -9.27 -3.01
C VAL B 246 30.04 -8.04 -2.20
N LEU B 247 30.49 -8.23 -0.97
CA LEU B 247 30.90 -7.12 -0.06
C LEU B 247 32.13 -6.42 -0.67
N ALA B 248 33.06 -7.17 -1.25
CA ALA B 248 34.33 -6.62 -1.83
C ALA B 248 34.01 -5.82 -3.09
N ALA B 249 33.12 -6.33 -3.94
CA ALA B 249 32.74 -5.63 -5.19
C ALA B 249 32.04 -4.32 -4.82
N GLY B 250 31.17 -4.36 -3.80
CA GLY B 250 30.44 -3.18 -3.34
C GLY B 250 31.41 -2.16 -2.76
N ALA B 251 32.35 -2.60 -1.92
CA ALA B 251 33.26 -1.67 -1.22
C ALA B 251 34.16 -0.98 -2.26
N ALA B 252 34.61 -1.71 -3.27
CA ALA B 252 35.48 -1.17 -4.33
C ALA B 252 34.69 -0.12 -5.12
N SER B 253 33.43 -0.38 -5.47
CA SER B 253 32.59 0.62 -6.20
C SER B 253 32.29 1.82 -5.32
N ALA B 254 31.98 1.60 -4.05
CA ALA B 254 31.66 2.69 -3.10
C ALA B 254 32.91 3.56 -2.93
N THR B 255 34.10 2.94 -2.88
CA THR B 255 35.38 3.70 -2.74
C THR B 255 35.59 4.56 -3.99
N ARG B 256 35.45 3.97 -5.18
CA ARG B 256 35.56 4.70 -6.47
C ARG B 256 34.49 5.81 -6.55
N MET B 257 33.27 5.54 -6.12
CA MET B 257 32.17 6.53 -6.27
C MET B 257 32.42 7.70 -5.33
N GLY B 258 33.13 7.52 -4.23
CA GLY B 258 33.48 8.67 -3.37
C GLY B 258 34.30 9.69 -4.14
N ALA B 259 35.29 9.20 -4.88
CA ALA B 259 36.19 10.01 -5.73
C ALA B 259 35.35 10.64 -6.84
N LEU B 260 34.44 9.87 -7.42
CA LEU B 260 33.58 10.42 -8.50
C LEU B 260 32.70 11.54 -7.94
N LEU B 261 32.08 11.33 -6.78
CA LEU B 261 31.20 12.36 -6.18
C LEU B 261 32.02 13.59 -5.84
N ALA B 262 33.22 13.42 -5.29
CA ALA B 262 34.10 14.56 -4.97
C ALA B 262 34.36 15.37 -6.26
N ASP B 263 34.67 14.68 -7.36
CA ASP B 263 35.04 15.33 -8.65
C ASP B 263 33.79 16.04 -9.22
N VAL B 264 32.63 15.39 -9.17
CA VAL B 264 31.35 16.00 -9.64
C VAL B 264 30.98 17.22 -8.78
N ILE B 265 31.07 17.12 -7.45
CA ILE B 265 30.66 18.24 -6.55
C ILE B 265 31.61 19.42 -6.75
N ALA B 266 32.91 19.18 -6.98
CA ALA B 266 33.97 20.21 -7.06
C ALA B 266 33.72 21.14 -8.25
N ARG B 269 32.31 20.44 -9.57
CA ARG B 269 31.79 21.01 -10.82
C ARG B 269 32.92 21.00 -11.85
N VAL C 1 -8.96 -2.00 25.21
CA VAL C 1 -8.98 -0.78 24.29
C VAL C 1 -7.54 -0.46 23.85
N ALA C 2 -6.61 -0.29 24.80
CA ALA C 2 -5.15 -0.14 24.50
C ALA C 2 -4.60 -1.50 24.02
N ASP C 3 -3.72 -1.47 23.01
CA ASP C 3 -2.97 -2.63 22.48
C ASP C 3 -1.69 -2.81 23.30
N PRO C 4 -1.55 -3.90 24.10
CA PRO C 4 -0.37 -4.08 24.96
C PRO C 4 0.99 -4.20 24.25
N ARG C 5 0.99 -4.47 22.94
CA ARG C 5 2.18 -4.72 22.08
C ARG C 5 3.10 -5.70 22.80
N PRO C 6 2.64 -6.96 23.02
CA PRO C 6 3.50 -8.03 23.52
C PRO C 6 4.63 -8.35 22.54
N ASP C 7 5.80 -8.73 23.05
CA ASP C 7 6.96 -9.18 22.24
C ASP C 7 6.54 -10.44 21.47
N PRO C 8 6.62 -10.46 20.12
CA PRO C 8 6.17 -11.65 19.38
C PRO C 8 6.81 -12.99 19.80
N ASP C 9 8.12 -13.03 19.98
CA ASP C 9 8.86 -14.30 20.26
C ASP C 9 8.42 -14.85 21.62
N GLU C 10 8.29 -14.00 22.64
CA GLU C 10 7.93 -14.45 24.01
C GLU C 10 6.47 -14.85 24.03
N LEU C 11 5.61 -14.15 23.30
CA LEU C 11 4.16 -14.50 23.29
C LEU C 11 4.03 -15.88 22.63
N ALA C 12 4.79 -16.12 21.54
CA ALA C 12 4.82 -17.41 20.83
C ALA C 12 5.31 -18.50 21.79
N ARG C 13 6.38 -18.25 22.53
CA ARG C 13 6.93 -19.22 23.51
C ARG C 13 5.84 -19.56 24.54
N ARG C 14 5.18 -18.57 25.11
CA ARG C 14 4.18 -18.82 26.18
C ARG C 14 3.03 -19.62 25.58
N ALA C 15 2.55 -19.25 24.38
CA ALA C 15 1.46 -19.98 23.69
C ALA C 15 1.86 -21.44 23.47
N ALA C 16 3.07 -21.71 23.01
CA ALA C 16 3.59 -23.08 22.76
C ALA C 16 3.64 -23.88 24.08
N GLN C 17 4.03 -23.24 25.17
CA GLN C 17 3.99 -23.89 26.51
C GLN C 17 2.54 -24.31 26.81
N VAL C 18 1.56 -23.44 26.62
CA VAL C 18 0.16 -23.78 27.03
C VAL C 18 -0.35 -24.89 26.09
N ILE C 19 0.05 -24.85 24.83
CA ILE C 19 -0.36 -25.87 23.82
C ILE C 19 0.20 -27.23 24.27
N ALA C 20 1.49 -27.28 24.62
CA ALA C 20 2.14 -28.52 25.13
C ALA C 20 1.39 -29.05 26.35
N ASP C 21 1.09 -28.18 27.31
CA ASP C 21 0.43 -28.54 28.60
C ASP C 21 -0.98 -29.09 28.31
N ARG C 22 -1.77 -28.40 27.48
CA ARG C 22 -3.22 -28.72 27.30
C ARG C 22 -3.36 -29.94 26.38
N THR C 23 -2.40 -30.21 25.49
CA THR C 23 -2.45 -31.35 24.54
C THR C 23 -1.70 -32.56 25.11
N GLY C 24 -0.86 -32.35 26.13
CA GLY C 24 0.07 -33.36 26.68
C GLY C 24 1.07 -33.84 25.64
N ILE C 25 1.36 -33.02 24.62
CA ILE C 25 2.31 -33.35 23.52
C ILE C 25 3.42 -32.30 23.55
N GLY C 26 4.67 -32.73 23.71
CA GLY C 26 5.81 -31.81 23.88
C GLY C 26 6.13 -31.07 22.61
N GLU C 27 5.81 -31.67 21.46
CA GLU C 27 6.20 -31.12 20.14
C GLU C 27 5.14 -31.46 19.09
N HIS C 28 4.77 -30.48 18.25
CA HIS C 28 3.98 -30.70 17.01
C HIS C 28 4.88 -30.31 15.83
N ASP C 29 5.21 -31.26 14.97
CA ASP C 29 6.20 -31.04 13.88
C ASP C 29 5.50 -30.49 12.63
N VAL C 30 4.18 -30.51 12.59
CA VAL C 30 3.42 -29.98 11.41
C VAL C 30 2.28 -29.13 11.94
N ALA C 31 1.96 -28.04 11.25
CA ALA C 31 0.77 -27.21 11.56
C ALA C 31 -0.04 -26.97 10.29
N VAL C 32 -1.36 -26.97 10.42
CA VAL C 32 -2.34 -26.71 9.33
C VAL C 32 -3.26 -25.56 9.76
N VAL C 33 -3.34 -24.49 8.96
CA VAL C 33 -4.31 -23.39 9.20
C VAL C 33 -5.41 -23.52 8.14
N LEU C 34 -6.64 -23.79 8.56
CA LEU C 34 -7.79 -23.98 7.66
C LEU C 34 -8.53 -22.63 7.52
N GLY C 35 -8.62 -22.14 6.30
CA GLY C 35 -9.30 -20.87 6.01
C GLY C 35 -10.77 -21.09 5.68
N SER C 36 -11.39 -20.09 5.06
CA SER C 36 -12.83 -20.06 4.78
C SER C 36 -13.17 -21.17 3.78
N GLY C 37 -14.19 -21.96 4.07
CA GLY C 37 -14.65 -23.08 3.21
C GLY C 37 -13.89 -24.36 3.47
N TRP C 38 -12.94 -24.35 4.41
CA TRP C 38 -12.04 -25.51 4.62
C TRP C 38 -12.49 -26.42 5.78
N LEU C 39 -13.55 -26.08 6.53
CA LEU C 39 -13.97 -26.94 7.69
C LEU C 39 -14.20 -28.40 7.27
N PRO C 40 -14.75 -28.71 6.07
CA PRO C 40 -14.95 -30.11 5.68
C PRO C 40 -13.64 -30.92 5.62
N ALA C 41 -12.48 -30.25 5.51
CA ALA C 41 -11.16 -30.93 5.46
C ALA C 41 -10.82 -31.56 6.80
N VAL C 42 -11.33 -31.04 7.91
CA VAL C 42 -10.89 -31.41 9.29
C VAL C 42 -11.04 -32.92 9.52
N ALA C 43 -12.17 -33.53 9.20
CA ALA C 43 -12.46 -34.92 9.60
C ALA C 43 -11.45 -35.86 8.95
N ALA C 44 -11.02 -35.58 7.71
CA ALA C 44 -10.19 -36.51 6.90
C ALA C 44 -8.72 -36.48 7.36
N LEU C 45 -8.35 -35.51 8.19
CA LEU C 45 -6.96 -35.39 8.69
C LEU C 45 -6.70 -36.50 9.71
N GLY C 46 -7.73 -36.92 10.44
CA GLY C 46 -7.60 -38.01 11.43
C GLY C 46 -8.47 -37.78 12.65
N SER C 47 -8.29 -38.62 13.67
CA SER C 47 -8.99 -38.53 14.97
C SER C 47 -8.19 -37.63 15.91
N PRO C 48 -8.73 -36.48 16.32
CA PRO C 48 -8.03 -35.60 17.26
C PRO C 48 -7.95 -36.21 18.68
N THR C 49 -6.79 -36.08 19.32
CA THR C 49 -6.57 -36.48 20.75
C THR C 49 -6.93 -35.33 21.69
N THR C 50 -6.87 -34.08 21.23
CA THR C 50 -7.32 -32.89 21.98
C THR C 50 -7.98 -31.91 21.00
N VAL C 51 -9.06 -31.28 21.45
CA VAL C 51 -9.72 -30.11 20.79
C VAL C 51 -9.88 -29.03 21.87
N LEU C 52 -9.42 -27.81 21.62
CA LEU C 52 -9.72 -26.71 22.56
C LEU C 52 -9.94 -25.42 21.79
N PRO C 53 -10.63 -24.44 22.41
CA PRO C 53 -10.86 -23.13 21.78
C PRO C 53 -9.55 -22.37 21.68
N GLN C 54 -9.26 -21.86 20.48
CA GLN C 54 -8.12 -20.95 20.21
C GLN C 54 -8.10 -19.84 21.26
N ALA C 55 -9.27 -19.29 21.59
CA ALA C 55 -9.46 -18.15 22.53
C ALA C 55 -8.84 -18.43 23.91
N GLU C 56 -8.62 -19.69 24.31
CA GLU C 56 -8.03 -20.02 25.63
C GLU C 56 -6.50 -20.07 25.55
N LEU C 57 -5.91 -19.79 24.39
CA LEU C 57 -4.42 -19.79 24.23
C LEU C 57 -3.91 -18.37 24.28
N PRO C 58 -2.79 -18.10 24.99
CA PRO C 58 -2.18 -16.78 25.02
C PRO C 58 -1.94 -16.18 23.62
N GLY C 59 -2.37 -14.94 23.40
CA GLY C 59 -2.09 -14.15 22.19
C GLY C 59 -3.05 -14.42 21.05
N PHE C 60 -3.93 -15.42 21.19
CA PHE C 60 -4.86 -15.80 20.09
C PHE C 60 -6.09 -14.91 20.18
N VAL C 61 -6.31 -14.11 19.16
CA VAL C 61 -7.60 -13.43 18.94
C VAL C 61 -8.52 -14.51 18.34
N PRO C 62 -9.71 -14.73 18.91
CA PRO C 62 -10.58 -15.77 18.38
C PRO C 62 -10.96 -15.43 16.95
N PRO C 63 -10.93 -16.38 15.97
CA PRO C 63 -11.55 -16.16 14.67
C PRO C 63 -13.02 -15.76 14.85
N THR C 64 -13.53 -14.89 13.98
CA THR C 64 -14.93 -14.36 14.05
C THR C 64 -15.93 -15.48 13.70
N ALA C 65 -15.59 -16.42 12.81
CA ALA C 65 -16.45 -17.58 12.49
C ALA C 65 -16.47 -18.48 13.73
N ALA C 66 -17.67 -18.83 14.25
CA ALA C 66 -17.79 -19.55 15.55
C ALA C 66 -17.71 -21.06 15.27
N GLY C 67 -18.60 -21.88 15.87
CA GLY C 67 -18.64 -23.35 15.73
C GLY C 67 -17.25 -24.00 15.77
N HIS C 68 -16.92 -24.81 14.76
CA HIS C 68 -15.64 -25.58 14.67
C HIS C 68 -14.49 -24.70 14.17
N ALA C 69 -14.77 -23.55 13.57
CA ALA C 69 -13.77 -22.48 13.41
C ALA C 69 -13.43 -21.95 14.83
N GLY C 70 -12.26 -21.38 15.01
CA GLY C 70 -11.78 -20.97 16.34
C GLY C 70 -11.34 -22.14 17.21
N GLU C 71 -11.12 -23.34 16.67
CA GLU C 71 -10.63 -24.51 17.44
C GLU C 71 -9.17 -24.79 17.09
N LEU C 72 -8.43 -25.34 18.06
CA LEU C 72 -7.14 -26.02 17.85
C LEU C 72 -7.38 -27.54 18.02
N LEU C 73 -6.96 -28.34 17.06
CA LEU C 73 -7.00 -29.82 17.20
C LEU C 73 -5.57 -30.34 17.17
N SER C 74 -5.26 -31.29 18.05
CA SER C 74 -3.99 -32.06 18.01
C SER C 74 -4.32 -33.40 17.37
N VAL C 75 -3.72 -33.72 16.23
CA VAL C 75 -4.09 -34.89 15.40
C VAL C 75 -2.81 -35.65 15.08
N PRO C 76 -2.74 -36.98 15.42
CA PRO C 76 -1.67 -37.85 14.94
C PRO C 76 -1.92 -38.24 13.48
N ILE C 77 -0.93 -38.01 12.62
CA ILE C 77 -0.96 -38.37 11.17
C ILE C 77 0.39 -39.03 10.87
N GLY C 78 0.38 -40.34 10.65
CA GLY C 78 1.59 -41.19 10.56
C GLY C 78 2.38 -41.07 11.84
N ALA C 79 3.67 -40.78 11.71
CA ALA C 79 4.63 -40.55 12.81
C ALA C 79 4.53 -39.10 13.33
N HIS C 80 3.68 -38.24 12.76
CA HIS C 80 3.65 -36.77 12.99
C HIS C 80 2.55 -36.38 13.99
N ARG C 81 2.78 -35.31 14.75
CA ARG C 81 1.74 -34.71 15.62
C ARG C 81 1.39 -33.36 15.01
N VAL C 82 0.15 -33.20 14.57
CA VAL C 82 -0.27 -32.07 13.68
C VAL C 82 -1.13 -31.12 14.49
N LEU C 83 -0.73 -29.86 14.50
CA LEU C 83 -1.47 -28.76 15.15
C LEU C 83 -2.44 -28.20 14.09
N VAL C 84 -3.74 -28.44 14.27
CA VAL C 84 -4.74 -27.98 13.27
C VAL C 84 -5.43 -26.76 13.86
N LEU C 85 -5.26 -25.63 13.20
CA LEU C 85 -5.93 -24.36 13.56
C LEU C 85 -7.11 -24.19 12.60
N ALA C 86 -8.31 -24.45 13.07
CA ALA C 86 -9.55 -24.29 12.30
C ALA C 86 -9.99 -22.82 12.44
N GLY C 87 -9.59 -22.03 11.46
CA GLY C 87 -9.91 -20.60 11.43
C GLY C 87 -8.70 -19.76 11.74
N ARG C 88 -8.74 -18.53 11.28
CA ARG C 88 -7.67 -17.53 11.46
C ARG C 88 -8.30 -16.16 11.68
N ILE C 89 -7.46 -15.20 12.00
CA ILE C 89 -7.87 -13.77 11.97
C ILE C 89 -7.25 -13.10 10.75
N HIS C 90 -7.80 -11.96 10.37
CA HIS C 90 -7.48 -11.22 9.13
C HIS C 90 -7.05 -9.80 9.47
N ALA C 91 -6.16 -9.23 8.67
CA ALA C 91 -5.70 -7.82 8.77
C ALA C 91 -6.91 -6.88 8.68
N TYR C 92 -7.95 -7.24 7.92
CA TYR C 92 -9.15 -6.37 7.74
C TYR C 92 -9.90 -6.20 9.07
N GLU C 93 -9.65 -7.05 10.07
CA GLU C 93 -10.34 -6.99 11.38
C GLU C 93 -9.72 -5.87 12.18
N GLY C 94 -8.53 -5.37 11.79
CA GLY C 94 -7.94 -4.13 12.33
C GLY C 94 -6.83 -4.37 13.33
N HIS C 95 -6.56 -5.63 13.68
CA HIS C 95 -5.50 -5.99 14.66
C HIS C 95 -4.13 -5.77 14.04
N ASP C 96 -3.15 -5.42 14.87
CA ASP C 96 -1.71 -5.36 14.53
C ASP C 96 -1.31 -6.71 13.90
N LEU C 97 -0.40 -6.69 12.94
CA LEU C 97 0.01 -7.94 12.24
C LEU C 97 0.66 -8.93 13.20
N ARG C 98 1.21 -8.50 14.36
CA ARG C 98 1.76 -9.49 15.34
C ARG C 98 0.66 -10.49 15.72
N TYR C 99 -0.61 -10.06 15.79
CA TYR C 99 -1.73 -10.97 16.16
C TYR C 99 -2.10 -11.83 14.96
N VAL C 100 -2.00 -11.27 13.77
CA VAL C 100 -2.35 -12.00 12.51
C VAL C 100 -1.37 -13.17 12.33
N VAL C 101 -0.08 -13.00 12.59
CA VAL C 101 0.94 -14.04 12.35
C VAL C 101 1.27 -14.78 13.67
N HIS C 102 0.67 -14.43 14.80
CA HIS C 102 0.97 -15.10 16.09
C HIS C 102 0.67 -16.61 16.00
N PRO C 103 -0.45 -17.07 15.43
CA PRO C 103 -0.70 -18.52 15.37
C PRO C 103 0.45 -19.26 14.66
N VAL C 104 0.95 -18.74 13.55
CA VAL C 104 2.09 -19.36 12.82
C VAL C 104 3.33 -19.37 13.74
N ARG C 105 3.59 -18.25 14.44
CA ARG C 105 4.79 -18.16 15.32
C ARG C 105 4.61 -19.12 16.51
N ALA C 106 3.42 -19.19 17.09
CA ALA C 106 3.11 -20.13 18.20
C ALA C 106 3.33 -21.58 17.73
N ALA C 107 2.88 -21.90 16.52
CA ALA C 107 3.01 -23.26 15.95
C ALA C 107 4.50 -23.59 15.80
N ARG C 108 5.29 -22.63 15.32
CA ARG C 108 6.75 -22.81 15.14
C ARG C 108 7.37 -23.09 16.51
N ALA C 109 7.03 -22.29 17.52
CA ALA C 109 7.52 -22.43 18.91
C ALA C 109 7.06 -23.77 19.49
N ALA C 110 6.01 -24.40 18.97
CA ALA C 110 5.53 -25.71 19.47
C ALA C 110 6.19 -26.86 18.68
N GLY C 111 7.07 -26.53 17.71
CA GLY C 111 7.94 -27.46 16.97
C GLY C 111 7.62 -27.56 15.48
N ALA C 112 6.66 -26.80 14.96
CA ALA C 112 6.21 -27.00 13.57
C ALA C 112 7.31 -26.59 12.61
N GLN C 113 7.74 -27.52 11.73
CA GLN C 113 8.83 -27.37 10.73
C GLN C 113 8.17 -27.05 9.38
N ILE C 114 6.95 -27.54 9.21
CA ILE C 114 6.11 -27.36 8.01
C ILE C 114 4.75 -26.73 8.42
N MET C 115 4.34 -25.67 7.70
CA MET C 115 3.03 -24.97 7.83
C MET C 115 2.25 -25.23 6.54
N VAL C 116 1.06 -25.80 6.65
CA VAL C 116 0.08 -25.88 5.54
C VAL C 116 -0.92 -24.73 5.76
N LEU C 117 -0.92 -23.74 4.88
CA LEU C 117 -1.78 -22.54 4.97
C LEU C 117 -2.81 -22.66 3.86
N THR C 118 -4.09 -22.79 4.21
CA THR C 118 -5.19 -22.89 3.24
C THR C 118 -6.06 -21.63 3.32
N ASN C 119 -6.73 -21.30 2.23
CA ASN C 119 -7.54 -20.06 2.18
C ASN C 119 -8.63 -20.23 1.11
N ALA C 120 -9.57 -19.32 1.12
CA ALA C 120 -10.52 -19.07 0.01
C ALA C 120 -9.90 -18.04 -0.94
N ALA C 121 -10.19 -18.11 -2.22
CA ALA C 121 -9.68 -17.12 -3.20
C ALA C 121 -10.68 -16.93 -4.33
N GLY C 122 -10.66 -15.75 -4.94
CA GLY C 122 -11.25 -15.51 -6.26
C GLY C 122 -10.32 -15.98 -7.36
N GLY C 123 -10.87 -16.63 -8.40
CA GLY C 123 -10.07 -17.05 -9.58
C GLY C 123 -9.95 -15.95 -10.62
N LEU C 124 -8.73 -15.71 -11.09
CA LEU C 124 -8.42 -14.79 -12.20
C LEU C 124 -8.07 -15.58 -13.47
N ARG C 125 -7.23 -16.60 -13.38
CA ARG C 125 -6.66 -17.29 -14.59
C ARG C 125 -7.79 -18.07 -15.27
N ALA C 126 -7.81 -18.09 -16.61
CA ALA C 126 -8.97 -18.52 -17.45
C ALA C 126 -9.35 -19.98 -17.15
N ASP C 127 -8.38 -20.83 -16.85
CA ASP C 127 -8.55 -22.29 -16.69
C ASP C 127 -9.16 -22.64 -15.34
N LEU C 128 -9.22 -21.71 -14.38
CA LEU C 128 -9.62 -22.06 -12.99
C LEU C 128 -11.15 -22.10 -12.90
N GLN C 129 -11.66 -23.04 -12.14
CA GLN C 129 -13.12 -23.27 -11.97
C GLN C 129 -13.52 -23.03 -10.53
N VAL C 130 -14.77 -22.63 -10.29
CA VAL C 130 -15.29 -22.56 -8.91
C VAL C 130 -15.23 -23.95 -8.29
N GLY C 131 -14.76 -24.07 -7.05
CA GLY C 131 -14.61 -25.35 -6.35
C GLY C 131 -13.24 -25.95 -6.52
N GLN C 132 -12.42 -25.46 -7.44
CA GLN C 132 -11.11 -26.07 -7.74
C GLN C 132 -10.12 -25.72 -6.63
N PRO C 133 -9.40 -26.72 -6.05
CA PRO C 133 -8.26 -26.44 -5.16
C PRO C 133 -7.03 -26.10 -6.01
N VAL C 134 -6.25 -25.09 -5.59
CA VAL C 134 -5.06 -24.63 -6.36
C VAL C 134 -3.90 -24.49 -5.40
N LEU C 135 -2.78 -25.16 -5.70
CA LEU C 135 -1.52 -25.01 -4.94
C LEU C 135 -0.96 -23.62 -5.18
N ILE C 136 -0.46 -22.99 -4.13
CA ILE C 136 0.12 -21.63 -4.26
C ILE C 136 1.59 -21.77 -4.66
N SER C 137 1.93 -21.29 -5.87
CA SER C 137 3.30 -21.37 -6.43
C SER C 137 4.12 -20.18 -5.88
N ASP C 138 3.44 -19.03 -5.67
CA ASP C 138 4.10 -17.79 -5.22
C ASP C 138 3.01 -16.79 -4.79
N HIS C 139 3.42 -15.67 -4.22
CA HIS C 139 2.45 -14.62 -3.82
C HIS C 139 2.90 -13.24 -4.28
N LEU C 140 1.93 -12.36 -4.33
CA LEU C 140 2.05 -10.89 -4.45
C LEU C 140 1.48 -10.29 -3.16
N ASN C 141 2.34 -9.70 -2.34
CA ASN C 141 1.93 -8.95 -1.14
C ASN C 141 1.56 -7.55 -1.63
N LEU C 142 0.26 -7.26 -1.70
CA LEU C 142 -0.23 -5.94 -2.18
C LEU C 142 -0.88 -5.18 -1.01
N THR C 143 -0.36 -5.34 0.21
CA THR C 143 -0.91 -4.72 1.43
C THR C 143 -0.06 -3.53 1.90
N ALA C 144 1.14 -3.33 1.36
CA ALA C 144 2.12 -2.29 1.74
C ALA C 144 2.52 -2.47 3.20
N ARG C 145 2.38 -3.66 3.74
CA ARG C 145 2.78 -3.95 5.14
C ARG C 145 3.72 -5.17 5.17
N SER C 146 4.32 -5.38 6.33
CA SER C 146 5.17 -6.54 6.65
C SER C 146 4.87 -6.96 8.08
N PRO C 147 4.89 -8.26 8.40
CA PRO C 147 4.85 -8.69 9.80
C PRO C 147 6.22 -8.64 10.48
N LEU C 148 7.27 -8.25 9.75
CA LEU C 148 8.65 -8.19 10.29
C LEU C 148 8.99 -6.75 10.69
N VAL C 149 9.81 -6.61 11.72
CA VAL C 149 10.24 -5.30 12.28
C VAL C 149 11.73 -5.12 12.00
N GLY C 150 12.25 -3.92 12.27
CA GLY C 150 13.62 -3.51 11.96
C GLY C 150 14.63 -4.60 12.25
N GLY C 151 15.53 -4.87 11.30
CA GLY C 151 16.62 -5.85 11.45
C GLY C 151 16.23 -7.29 11.16
N GLU C 152 14.97 -7.58 10.85
CA GLU C 152 14.50 -8.94 10.49
C GLU C 152 14.39 -8.97 8.96
N PHE C 153 15.17 -9.82 8.31
CA PHE C 153 15.28 -9.91 6.84
C PHE C 153 14.96 -11.36 6.51
N VAL C 154 14.29 -11.59 5.39
CA VAL C 154 14.04 -12.97 4.92
C VAL C 154 14.05 -12.95 3.39
N ASP C 155 14.66 -13.97 2.81
CA ASP C 155 14.64 -14.21 1.33
C ASP C 155 13.37 -14.99 1.02
N LEU C 156 12.52 -14.48 0.13
CA LEU C 156 11.24 -15.15 -0.18
C LEU C 156 11.31 -15.96 -1.48
N THR C 157 12.52 -16.23 -1.98
CA THR C 157 12.71 -17.25 -3.04
C THR C 157 12.19 -18.59 -2.52
N ASP C 158 11.36 -19.27 -3.31
CA ASP C 158 10.81 -20.61 -2.91
C ASP C 158 10.15 -20.53 -1.53
N ALA C 159 9.44 -19.43 -1.22
CA ALA C 159 8.63 -19.30 0.01
C ALA C 159 7.64 -20.48 0.11
N TYR C 160 7.10 -20.87 -1.04
CA TYR C 160 6.14 -21.99 -1.18
C TYR C 160 6.96 -23.15 -1.72
N SER C 161 7.45 -23.97 -0.79
CA SER C 161 8.43 -25.06 -1.05
C SER C 161 8.06 -25.85 -2.32
N PRO C 162 8.90 -25.84 -3.37
CA PRO C 162 8.66 -26.67 -4.55
C PRO C 162 8.50 -28.15 -4.15
N ARG C 163 9.29 -28.60 -3.16
CA ARG C 163 9.26 -29.99 -2.63
C ARG C 163 7.85 -30.37 -2.15
N LEU C 164 7.22 -29.51 -1.34
CA LEU C 164 5.89 -29.83 -0.79
C LEU C 164 4.85 -29.81 -1.94
N ARG C 165 4.98 -28.94 -2.93
CA ARG C 165 4.02 -28.89 -4.07
C ARG C 165 4.14 -30.21 -4.84
N GLU C 166 5.38 -30.69 -5.03
CA GLU C 166 5.67 -31.96 -5.74
C GLU C 166 5.01 -33.12 -4.97
N LEU C 167 5.12 -33.15 -3.63
CA LEU C 167 4.48 -34.21 -2.81
C LEU C 167 2.96 -34.15 -2.95
N ALA C 168 2.36 -32.96 -2.94
CA ALA C 168 0.92 -32.79 -3.15
C ALA C 168 0.54 -33.36 -4.52
N ARG C 169 1.31 -33.09 -5.56
CA ARG C 169 0.99 -33.57 -6.93
C ARG C 169 1.22 -35.09 -7.07
N GLN C 170 2.02 -35.73 -6.22
CA GLN C 170 2.15 -37.20 -6.16
C GLN C 170 0.84 -37.79 -5.65
N SER C 171 0.17 -37.11 -4.74
CA SER C 171 -1.11 -37.60 -4.19
C SER C 171 -2.26 -37.30 -5.16
N ASP C 172 -2.19 -36.17 -5.88
CA ASP C 172 -3.19 -35.79 -6.92
C ASP C 172 -2.48 -35.01 -8.02
N PRO C 173 -2.09 -35.71 -9.10
CA PRO C 173 -1.33 -35.10 -10.18
C PRO C 173 -2.12 -34.09 -11.03
N GLN C 174 -3.42 -33.95 -10.86
CA GLN C 174 -4.17 -32.91 -11.64
C GLN C 174 -4.23 -31.58 -10.87
N LEU C 175 -3.62 -31.45 -9.70
CA LEU C 175 -3.67 -30.16 -8.96
C LEU C 175 -2.97 -29.08 -9.79
N ALA C 176 -3.67 -27.99 -10.09
CA ALA C 176 -3.09 -26.76 -10.67
C ALA C 176 -2.26 -26.00 -9.61
N GLU C 177 -1.39 -25.10 -10.08
CA GLU C 177 -0.66 -24.11 -9.24
C GLU C 177 -0.95 -22.71 -9.75
N GLY C 178 -0.84 -21.71 -8.87
CA GLY C 178 -0.97 -20.31 -9.27
C GLY C 178 -0.42 -19.33 -8.26
N VAL C 179 -0.30 -18.08 -8.71
CA VAL C 179 0.21 -16.96 -7.88
C VAL C 179 -0.99 -16.33 -7.15
N TYR C 180 -0.91 -16.23 -5.82
CA TYR C 180 -1.91 -15.63 -4.90
C TYR C 180 -1.56 -14.17 -4.63
N ALA C 181 -2.47 -13.26 -4.97
CA ALA C 181 -2.41 -11.83 -4.62
C ALA C 181 -3.11 -11.63 -3.26
N GLY C 182 -2.35 -11.23 -2.24
CA GLY C 182 -2.91 -10.93 -0.90
C GLY C 182 -3.22 -9.45 -0.79
N LEU C 183 -4.51 -9.13 -0.64
CA LEU C 183 -5.02 -7.76 -0.58
C LEU C 183 -5.50 -7.48 0.83
N PRO C 184 -5.62 -6.19 1.21
CA PRO C 184 -6.07 -5.85 2.56
C PRO C 184 -7.53 -6.27 2.80
N GLY C 185 -8.39 -6.07 1.80
CA GLY C 185 -9.85 -6.18 2.00
C GLY C 185 -10.36 -5.16 3.03
N PRO C 186 -11.59 -5.31 3.56
CA PRO C 186 -12.48 -6.45 3.27
C PRO C 186 -13.45 -6.30 2.08
N HIS C 187 -13.47 -5.14 1.42
CA HIS C 187 -14.20 -4.97 0.14
C HIS C 187 -13.60 -5.93 -0.89
N TYR C 188 -14.43 -6.43 -1.79
CA TYR C 188 -13.99 -7.15 -3.02
C TYR C 188 -13.52 -6.14 -4.05
N GLU C 189 -12.93 -6.63 -5.12
CA GLU C 189 -12.18 -5.81 -6.11
C GLU C 189 -13.17 -5.32 -7.16
N THR C 190 -12.88 -4.18 -7.75
CA THR C 190 -13.56 -3.75 -8.99
C THR C 190 -13.06 -4.63 -10.14
N PRO C 191 -13.84 -4.77 -11.24
CA PRO C 191 -13.29 -5.40 -12.44
C PRO C 191 -11.99 -4.77 -12.94
N ALA C 192 -11.87 -3.45 -12.87
CA ALA C 192 -10.64 -2.76 -13.29
C ALA C 192 -9.46 -3.23 -12.41
N GLU C 193 -9.66 -3.32 -11.10
CA GLU C 193 -8.60 -3.84 -10.18
C GLU C 193 -8.20 -5.27 -10.59
N ILE C 194 -9.17 -6.12 -10.95
CA ILE C 194 -8.91 -7.53 -11.36
C ILE C 194 -8.12 -7.55 -12.66
N ARG C 195 -8.41 -6.66 -13.64
CA ARG C 195 -7.60 -6.61 -14.90
C ARG C 195 -6.16 -6.17 -14.56
N MET C 196 -6.02 -5.25 -13.62
CA MET C 196 -4.69 -4.83 -13.08
C MET C 196 -3.97 -6.07 -12.51
N LEU C 197 -4.64 -6.84 -11.64
CA LEU C 197 -4.02 -8.01 -10.95
C LEU C 197 -3.56 -9.01 -12.03
N GLN C 198 -4.32 -9.20 -13.11
CA GLN C 198 -3.91 -10.14 -14.17
C GLN C 198 -2.62 -9.63 -14.79
N THR C 199 -2.54 -8.32 -15.09
CA THR C 199 -1.32 -7.72 -15.68
C THR C 199 -0.11 -7.97 -14.76
N LEU C 200 -0.31 -7.93 -13.46
CA LEU C 200 0.78 -8.07 -12.46
C LEU C 200 1.13 -9.54 -12.16
N GLY C 201 0.45 -10.49 -12.79
CA GLY C 201 0.81 -11.91 -12.77
C GLY C 201 0.01 -12.72 -11.75
N ALA C 202 -1.09 -12.19 -11.18
CA ALA C 202 -1.88 -12.91 -10.16
C ALA C 202 -2.88 -13.89 -10.84
N ASP C 203 -3.03 -15.08 -10.28
CA ASP C 203 -3.98 -16.14 -10.71
C ASP C 203 -5.14 -16.26 -9.73
N LEU C 204 -4.93 -15.81 -8.49
CA LEU C 204 -5.82 -15.99 -7.33
C LEU C 204 -5.79 -14.67 -6.55
N VAL C 205 -6.87 -14.33 -5.86
CA VAL C 205 -6.95 -13.11 -5.01
C VAL C 205 -7.65 -13.45 -3.69
N GLY C 206 -7.05 -13.05 -2.57
CA GLY C 206 -7.65 -13.24 -1.25
C GLY C 206 -7.18 -12.22 -0.20
N MET C 207 -7.51 -12.49 1.06
CA MET C 207 -7.42 -11.45 2.12
C MET C 207 -6.59 -11.99 3.28
N SER C 208 -5.71 -12.96 3.04
CA SER C 208 -4.90 -13.59 4.11
C SER C 208 -3.53 -14.00 3.55
N THR C 209 -2.85 -14.84 4.33
CA THR C 209 -1.81 -15.80 3.92
C THR C 209 -0.46 -15.11 3.75
N VAL C 210 -0.36 -13.99 3.01
CA VAL C 210 0.96 -13.44 2.62
C VAL C 210 1.79 -13.16 3.88
N HIS C 211 1.21 -12.54 4.91
CA HIS C 211 2.01 -12.19 6.12
C HIS C 211 2.38 -13.47 6.87
N GLU C 212 1.44 -14.42 6.94
CA GLU C 212 1.67 -15.73 7.61
CA GLU C 212 1.64 -15.75 7.59
C GLU C 212 2.83 -16.47 6.92
N THR C 213 2.87 -16.44 5.58
CA THR C 213 4.00 -17.03 4.81
C THR C 213 5.31 -16.32 5.16
N ILE C 214 5.33 -14.99 5.11
CA ILE C 214 6.56 -14.22 5.43
C ILE C 214 7.04 -14.62 6.84
N ALA C 215 6.16 -14.64 7.84
CA ALA C 215 6.49 -14.91 9.26
C ALA C 215 7.00 -16.36 9.38
N ALA C 216 6.31 -17.30 8.71
CA ALA C 216 6.72 -18.73 8.67
C ALA C 216 8.16 -18.85 8.15
N ARG C 217 8.46 -18.22 7.02
CA ARG C 217 9.79 -18.32 6.39
C ARG C 217 10.81 -17.67 7.34
N ALA C 218 10.47 -16.54 7.95
CA ALA C 218 11.43 -15.79 8.80
C ALA C 218 11.77 -16.65 10.01
N ALA C 219 10.83 -17.45 10.49
CA ALA C 219 10.99 -18.33 11.67
C ALA C 219 11.59 -19.70 11.28
N GLY C 220 11.85 -19.93 9.99
CA GLY C 220 12.54 -21.15 9.50
C GLY C 220 11.63 -22.32 9.16
N ALA C 221 10.31 -22.11 9.01
CA ALA C 221 9.36 -23.17 8.59
C ALA C 221 9.21 -23.18 7.06
N GLU C 222 9.03 -24.37 6.49
CA GLU C 222 8.60 -24.58 5.08
C GLU C 222 7.08 -24.36 4.98
N VAL C 223 6.59 -23.90 3.84
CA VAL C 223 5.16 -23.61 3.66
C VAL C 223 4.62 -24.35 2.45
N LEU C 224 3.44 -24.97 2.64
CA LEU C 224 2.55 -25.47 1.57
C LEU C 224 1.30 -24.62 1.62
N GLY C 225 0.98 -23.93 0.52
CA GLY C 225 -0.19 -23.05 0.42
C GLY C 225 -1.24 -23.69 -0.48
N VAL C 226 -2.52 -23.68 -0.07
CA VAL C 226 -3.64 -24.18 -0.92
C VAL C 226 -4.82 -23.20 -0.88
N SER C 227 -5.24 -22.71 -2.04
CA SER C 227 -6.48 -21.90 -2.24
C SER C 227 -7.62 -22.83 -2.68
N LEU C 228 -8.81 -22.61 -2.15
CA LEU C 228 -10.09 -23.09 -2.73
C LEU C 228 -10.70 -21.92 -3.50
N VAL C 229 -10.91 -22.08 -4.80
CA VAL C 229 -11.60 -21.06 -5.63
C VAL C 229 -13.08 -21.08 -5.25
N THR C 230 -13.54 -20.02 -4.58
CA THR C 230 -14.94 -19.87 -4.08
C THR C 230 -15.76 -19.06 -5.08
N ASN C 231 -15.12 -18.41 -6.06
CA ASN C 231 -15.78 -17.52 -7.03
C ASN C 231 -14.77 -17.14 -8.11
N LEU C 232 -15.25 -16.83 -9.31
CA LEU C 232 -14.45 -16.08 -10.31
C LEU C 232 -14.39 -14.62 -9.82
N ALA C 233 -13.23 -14.00 -9.97
CA ALA C 233 -12.99 -12.62 -9.47
C ALA C 233 -13.89 -11.66 -10.26
N ALA C 234 -14.06 -10.45 -9.74
CA ALA C 234 -14.90 -9.40 -10.38
C ALA C 234 -14.54 -9.25 -11.86
N GLY C 235 -15.54 -9.33 -12.72
CA GLY C 235 -15.37 -9.08 -14.17
C GLY C 235 -14.92 -10.32 -14.95
N ILE C 236 -14.50 -11.41 -14.29
CA ILE C 236 -14.00 -12.65 -14.96
C ILE C 236 -15.24 -13.41 -15.47
N THR C 237 -15.32 -13.68 -16.76
CA THR C 237 -16.46 -14.42 -17.39
C THR C 237 -16.28 -15.92 -17.10
N GLY C 238 -17.39 -16.60 -16.84
CA GLY C 238 -17.46 -18.06 -16.70
C GLY C 238 -18.89 -18.53 -16.80
N GLU C 239 -19.16 -19.83 -16.62
CA GLU C 239 -20.57 -20.31 -16.65
C GLU C 239 -21.27 -19.73 -15.44
N PRO C 240 -22.49 -19.17 -15.59
CA PRO C 240 -23.31 -18.83 -14.44
C PRO C 240 -23.53 -20.07 -13.57
N LEU C 241 -23.28 -19.93 -12.26
CA LEU C 241 -23.52 -20.96 -11.24
C LEU C 241 -24.43 -20.35 -10.16
N SER C 242 -25.27 -21.16 -9.56
CA SER C 242 -26.09 -20.78 -8.39
C SER C 242 -25.21 -20.72 -7.14
N HIS C 243 -25.69 -20.06 -6.08
CA HIS C 243 -25.02 -20.00 -4.75
C HIS C 243 -24.87 -21.43 -4.23
N ALA C 244 -25.89 -22.26 -4.44
CA ALA C 244 -25.94 -23.65 -3.95
C ALA C 244 -24.82 -24.46 -4.63
N GLU C 245 -24.68 -24.32 -5.96
CA GLU C 245 -23.67 -25.02 -6.79
C GLU C 245 -22.27 -24.67 -6.27
N VAL C 246 -22.03 -23.37 -6.06
CA VAL C 246 -20.73 -22.79 -5.64
C VAL C 246 -20.35 -23.37 -4.27
N LEU C 247 -21.28 -23.31 -3.30
CA LEU C 247 -21.03 -23.74 -1.90
C LEU C 247 -20.82 -25.26 -1.86
N ALA C 248 -21.61 -26.01 -2.63
CA ALA C 248 -21.55 -27.49 -2.63
C ALA C 248 -20.23 -27.97 -3.24
N ALA C 249 -19.82 -27.36 -4.35
CA ALA C 249 -18.58 -27.71 -5.06
C ALA C 249 -17.44 -27.47 -4.07
N GLY C 250 -17.41 -26.32 -3.40
CA GLY C 250 -16.38 -26.02 -2.39
C GLY C 250 -16.30 -27.09 -1.32
N ALA C 251 -17.44 -27.42 -0.73
CA ALA C 251 -17.50 -28.35 0.43
C ALA C 251 -16.96 -29.73 0.01
N ALA C 252 -17.36 -30.22 -1.16
CA ALA C 252 -16.88 -31.50 -1.69
C ALA C 252 -15.36 -31.44 -1.94
N SER C 253 -14.83 -30.36 -2.52
CA SER C 253 -13.35 -30.20 -2.75
C SER C 253 -12.63 -30.16 -1.40
N ALA C 254 -13.14 -29.42 -0.42
CA ALA C 254 -12.50 -29.34 0.91
C ALA C 254 -12.39 -30.75 1.51
N THR C 255 -13.44 -31.57 1.42
CA THR C 255 -13.45 -32.98 1.92
C THR C 255 -12.29 -33.75 1.27
N ARG C 256 -12.20 -33.71 -0.06
CA ARG C 256 -11.17 -34.45 -0.83
C ARG C 256 -9.79 -33.92 -0.41
N MET C 257 -9.64 -32.61 -0.25
CA MET C 257 -8.32 -32.00 0.03
C MET C 257 -7.89 -32.35 1.47
N GLY C 258 -8.81 -32.56 2.39
CA GLY C 258 -8.50 -33.10 3.73
C GLY C 258 -7.83 -34.46 3.65
N ALA C 259 -8.37 -35.36 2.83
CA ALA C 259 -7.82 -36.71 2.60
C ALA C 259 -6.45 -36.58 1.94
N LEU C 260 -6.33 -35.69 0.95
CA LEU C 260 -5.02 -35.49 0.25
C LEU C 260 -3.99 -34.99 1.28
N LEU C 261 -4.33 -34.01 2.12
CA LEU C 261 -3.36 -33.46 3.08
C LEU C 261 -2.96 -34.53 4.09
N ALA C 262 -3.88 -35.38 4.53
CA ALA C 262 -3.55 -36.51 5.44
C ALA C 262 -2.50 -37.41 4.79
N ASP C 263 -2.66 -37.74 3.51
CA ASP C 263 -1.71 -38.62 2.75
C ASP C 263 -0.38 -37.90 2.59
N VAL C 264 -0.40 -36.64 2.16
CA VAL C 264 0.83 -35.82 1.96
C VAL C 264 1.60 -35.71 3.29
N ILE C 265 0.94 -35.37 4.40
CA ILE C 265 1.60 -35.16 5.72
C ILE C 265 2.23 -36.47 6.19
N ALA C 266 1.56 -37.60 6.00
CA ALA C 266 2.11 -38.91 6.38
C ALA C 266 3.47 -39.13 5.67
N ARG C 267 3.69 -38.50 4.51
CA ARG C 267 4.92 -38.65 3.69
C ARG C 267 5.88 -37.47 3.92
N PHE C 268 5.57 -36.53 4.82
CA PHE C 268 6.51 -35.43 5.17
C PHE C 268 7.74 -36.02 5.85
C2 JTO D . -2.86 14.69 -10.59
C4 JTO D . -3.05 13.40 -8.51
C6 JTO D . -4.56 15.07 -8.86
C12 JTO D . -5.03 18.47 -4.09
C13 JTO D . -6.24 17.83 -3.90
C14 JTO D . -6.76 17.04 -4.92
C16 JTO D . -8.94 16.86 -3.97
C21 JTO D . -5.74 16.75 -9.76
C23 JTO D . -3.99 15.40 -10.10
O20 JTO D . -11.35 16.55 -3.32
P17 JTO D . -10.54 16.26 -4.55
O18 JTO D . -10.47 14.80 -4.88
O19 JTO D . -10.96 17.04 -5.72
O15 JTO D . -7.92 16.32 -4.78
C11 JTO D . -4.35 18.35 -5.28
C10 JTO D . -4.83 17.53 -6.29
C9 JTO D . -6.06 16.90 -6.11
S8 JTO D . -6.78 15.85 -7.35
C7 JTO D . -5.65 15.93 -8.67
N22 JTO D . -4.73 16.45 -10.62
O1 JTO D . -2.25 14.89 -11.69
N5 JTO D . -4.10 14.03 -8.06
N3 JTO D . -2.49 13.67 -9.72
O1 TEW E . -10.33 22.61 2.29
O2 TEW E . -9.45 22.93 -0.23
O3 TEW E . -12.06 23.45 0.58
O4 TEW E . -9.64 20.49 0.66
O5 TEW E . -11.85 21.52 -1.08
O6 TEW E . -12.18 20.60 1.33
O7 TEW E . -10.10 25.13 1.54
O8 TEW E . -12.96 23.15 3.15
O9 TEW E . -13.09 25.60 2.01
O10 TEW E . -10.95 24.89 3.92
O11 TEW E . -7.32 24.78 1.00
O12 TEW E . -8.32 24.38 3.34
O13 TEW E . -7.58 22.11 1.87
O14 TEW E . -6.75 22.60 -0.44
O15 TEW E . -8.35 21.07 -1.88
O16 TEW E . -7.32 19.80 0.55
O17 TEW E . -8.17 26.97 2.66
O18 TEW E . -9.32 26.45 5.17
O19 TEW E . -10.65 27.64 2.92
O20 TEW E . -5.61 24.01 2.86
O21 TEW E . -6.29 25.76 4.61
O22 TEW E . -5.59 26.79 2.14
O23 TEW E . -4.84 24.14 0.28
O31 TEW E . -5.02 21.65 1.71
TE1 TEW E . -8.99 23.90 1.70
W1 TEW E . -11.23 21.69 0.46
W2 TEW E . -12.04 24.27 2.36
W3 TEW E . -8.01 21.20 -0.20
W4 TEW E . -9.73 26.29 3.53
W5 TEW E . -6.61 25.74 2.95
W6 TEW E . -5.72 23.12 1.12
C1 GOL F . 0.30 0.56 5.50
O1 GOL F . 1.37 1.29 6.11
C2 GOL F . -0.96 1.39 5.37
O2 GOL F . -0.76 2.34 4.33
C3 GOL F . -2.21 0.57 5.13
O3 GOL F . -2.83 0.10 6.34
C2 JTO G . 16.45 -6.40 -2.74
C4 JTO G . 14.83 -4.95 -1.64
C6 JTO G . 17.01 -4.38 -1.43
C12 JTO G . 17.94 -3.46 4.24
C13 JTO G . 18.36 -2.19 3.87
C14 JTO G . 18.45 -1.85 2.53
C16 JTO G . 19.17 0.36 3.06
C21 JTO G . 19.24 -4.37 -1.58
C23 JTO G . 17.40 -5.49 -2.19
O20 JTO G . 20.78 1.76 1.43
P17 JTO G . 19.52 1.86 2.23
O18 JTO G . 19.65 2.87 3.36
O19 JTO G . 18.36 2.21 1.34
O15 JTO G . 18.83 -0.61 2.08
C11 JTO G . 17.63 -4.39 3.26
C10 JTO G . 17.74 -4.05 1.91
C9 JTO G . 18.12 -2.77 1.55
S8 JTO G . 18.26 -2.21 -0.13
C7 JTO G . 18.17 -3.70 -1.04
N22 JTO G . 18.77 -5.46 -2.28
O1 JTO G . 16.69 -7.38 -3.46
N5 JTO G . 15.70 -4.12 -1.14
N3 JTO G . 15.15 -6.03 -2.41
C21 P4K H . 0.35 -0.78 -2.32
C22 P4K H . 1.21 0.35 -2.78
C23 P4K H . 1.38 0.94 -5.07
C24 P4K H . 0.46 1.19 -6.23
C25 P4K H . 0.20 -0.71 -7.65
C26 P4K H . 1.11 -1.90 -7.59
C27 P4K H . 2.76 -2.72 -6.09
C28 P4K H . 3.10 -2.95 -4.64
O11 P4K H . 0.93 -2.02 -2.76
O12 P4K H . 0.60 0.96 -3.89
O13 P4K H . 0.91 0.51 -7.40
O14 P4K H . 1.42 -2.25 -6.24
O15 P4K H . 4.37 -3.63 -4.50
C1 EDO I . 21.07 -5.35 4.19
O1 EDO I . 21.10 -6.44 5.14
C2 EDO I . 21.44 -5.70 2.78
O2 EDO I . 22.04 -4.68 1.99
C2 JTO J . -12.35 -12.43 -4.08
C4 JTO J . -10.88 -11.18 -2.60
C6 JTO J . -11.61 -13.19 -1.88
C12 JTO J . -13.50 -12.56 3.63
C13 JTO J . -12.45 -13.40 3.97
C14 JTO J . -11.71 -14.03 2.98
C16 JTO J . -10.80 -15.83 4.22
C21 JTO J . -12.62 -15.19 -1.70
C23 JTO J . -12.34 -13.41 -3.04
O20 JTO J . -9.15 -16.93 5.77
P17 JTO J . -9.34 -16.86 4.28
O18 JTO J . -8.18 -16.27 3.56
O19 JTO J . -9.69 -18.22 3.72
O15 JTO J . -10.66 -14.87 3.21
C11 JTO J . -13.82 -12.34 2.31
C10 JTO J . -13.06 -12.93 1.30
C9 JTO J . -12.03 -13.80 1.65
S8 JTO J . -11.01 -14.61 0.47
C7 JTO J . -11.78 -14.32 -1.06
N22 JTO J . -12.96 -14.64 -2.89
O1 JTO J . -12.88 -12.49 -5.21
N5 JTO J . -10.88 -12.06 -1.65
N3 JTO J . -11.56 -11.33 -3.74
C1 PEG K . -16.34 -18.39 1.05
O1 PEG K . -16.51 -19.65 1.66
C2 PEG K . -15.42 -17.49 1.83
O2 PEG K . -15.67 -16.13 1.52
C3 PEG K . -16.83 -15.59 2.15
C4 PEG K . -16.47 -14.41 3.01
O4 PEG K . -17.33 -14.25 4.13
#